data_8AFU
#
_entry.id   8AFU
#
_cell.length_a   86.698
_cell.length_b   77.841
_cell.length_c   122.026
_cell.angle_alpha   90.000
_cell.angle_beta   92.870
_cell.angle_gamma   90.000
#
_symmetry.space_group_name_H-M   'I 1 2 1'
#
loop_
_entity.id
_entity.type
_entity.pdbx_description
1 polymer 'N-acetyl-gamma-glutamyl-phosphate reductase'
2 non-polymer 'SODIUM ION'
3 water water
#
_entity_poly.entity_id   1
_entity_poly.type   'polypeptide(L)'
_entity_poly.pdbx_seq_one_letter_code
;MGSSHHHHHHSSGLVPRGSHMMKVSVIGATGYTGYELVKILANHPEFEIAALVSETYADKMFSDVYPRLRSICDVVITGR
DYDAVAEISDAVFLCLPHAAAQDAAAFFYEKGLKVVDFSADFRLKDKKLYEATYKVDHTYPDLLRKAVYGLPEIFEVDIK
KAELVANPGCYPTSVITPLYPLLKAGLISPEGIIADSKSGVTGAGRKADIAYSFCECNEDFRPYAIFSHRHNPEINEVLK
ETGKETNVLFTPHLIPASKGIESTIYTKTTAGLAEISACLKDFYRERRCVRIYDNGHIPSTADVTDTNFIDIGLFVKGER
LIIVSCIDNLIKGSSGMAVQNMNLMCGFDDTLGIL
;
_entity_poly.pdbx_strand_id   A,B
#
loop_
_chem_comp.id
_chem_comp.type
_chem_comp.name
_chem_comp.formula
NA non-polymer 'SODIUM ION' 'Na 1'
#
# COMPACT_ATOMS: atom_id res chain seq x y z
N ARG A 17 -17.58 7.34 -13.15
CA ARG A 17 -17.49 8.37 -14.21
C ARG A 17 -17.92 9.72 -13.64
N GLY A 18 -18.65 9.70 -12.52
CA GLY A 18 -19.11 10.94 -11.89
C GLY A 18 -20.59 11.14 -12.10
N SER A 19 -21.22 10.25 -12.86
CA SER A 19 -22.66 10.39 -13.17
C SER A 19 -23.51 10.36 -11.89
N HIS A 20 -23.14 9.53 -10.92
CA HIS A 20 -23.93 9.41 -9.67
C HIS A 20 -23.11 9.96 -8.51
N MET A 21 -22.43 11.08 -8.74
CA MET A 21 -21.56 11.68 -7.72
C MET A 21 -22.30 11.95 -6.43
N MET A 22 -21.63 11.73 -5.31
CA MET A 22 -22.17 12.09 -4.01
C MET A 22 -21.09 12.75 -3.18
N LYS A 23 -21.47 13.76 -2.39
CA LYS A 23 -20.52 14.46 -1.52
C LYS A 23 -20.45 13.76 -0.16
N VAL A 24 -19.23 13.51 0.31
CA VAL A 24 -19.03 12.78 1.56
C VAL A 24 -18.03 13.54 2.42
N SER A 25 -18.30 13.59 3.73
CA SER A 25 -17.40 14.22 4.67
C SER A 25 -16.94 13.20 5.72
N VAL A 26 -15.83 13.52 6.38
CA VAL A 26 -15.23 12.66 7.39
C VAL A 26 -15.04 13.50 8.63
N ILE A 27 -15.67 13.12 9.73
CA ILE A 27 -15.49 13.79 11.01
C ILE A 27 -14.53 12.97 11.84
N GLY A 28 -13.46 13.61 12.31
CA GLY A 28 -12.38 12.91 13.00
C GLY A 28 -11.40 12.33 12.01
N ALA A 29 -11.03 13.10 10.98
CA ALA A 29 -10.35 12.59 9.80
C ALA A 29 -8.84 12.35 9.95
N THR A 30 -8.20 12.83 11.03
CA THR A 30 -6.74 12.76 11.05
C THR A 30 -6.19 11.59 11.86
N GLY A 31 -7.02 10.74 12.45
CA GLY A 31 -6.54 9.49 12.99
C GLY A 31 -6.19 8.53 11.86
N TYR A 32 -5.68 7.35 12.26
CA TYR A 32 -5.22 6.33 11.28
C TYR A 32 -6.35 5.78 10.43
N THR A 33 -7.53 5.59 11.01
CA THR A 33 -8.65 5.13 10.20
C THR A 33 -9.05 6.19 9.18
N GLY A 34 -9.04 7.47 9.58
CA GLY A 34 -9.32 8.54 8.63
C GLY A 34 -8.33 8.60 7.48
N TYR A 35 -7.07 8.34 7.74
CA TYR A 35 -6.06 8.35 6.66
C TYR A 35 -6.34 7.25 5.64
N GLU A 36 -6.60 6.01 6.10
CA GLU A 36 -6.93 4.94 5.17
C GLU A 36 -8.24 5.22 4.42
N LEU A 37 -9.20 5.85 5.09
CA LEU A 37 -10.49 6.15 4.46
C LEU A 37 -10.32 7.21 3.37
N VAL A 38 -9.58 8.28 3.66
CA VAL A 38 -9.31 9.28 2.64
C VAL A 38 -8.58 8.69 1.44
N LYS A 39 -7.56 7.86 1.69
CA LYS A 39 -6.89 7.16 0.59
C LYS A 39 -7.89 6.48 -0.35
N ILE A 40 -8.92 5.85 0.22
CA ILE A 40 -9.91 5.16 -0.60
C ILE A 40 -10.83 6.16 -1.27
N LEU A 41 -11.32 7.14 -0.51
CA LEU A 41 -12.28 8.10 -1.04
C LEU A 41 -11.68 8.93 -2.16
N ALA A 42 -10.42 9.35 -2.01
CA ALA A 42 -9.71 10.10 -3.05
C ALA A 42 -9.81 9.41 -4.39
N ASN A 43 -9.62 8.10 -4.43
CA ASN A 43 -9.68 7.44 -5.72
C ASN A 43 -11.03 6.87 -6.07
N HIS A 44 -12.04 7.00 -5.21
CA HIS A 44 -13.36 6.39 -5.49
C HIS A 44 -14.03 7.15 -6.65
N PRO A 45 -14.65 6.46 -7.62
CA PRO A 45 -15.21 7.17 -8.79
C PRO A 45 -16.51 7.91 -8.56
N GLU A 46 -17.21 7.71 -7.46
CA GLU A 46 -18.47 8.42 -7.24
C GLU A 46 -18.50 9.25 -5.99
N PHE A 47 -17.67 8.96 -4.98
CA PHE A 47 -17.62 9.77 -3.77
C PHE A 47 -16.66 10.92 -4.00
N GLU A 48 -17.10 12.14 -3.67
CA GLU A 48 -16.26 13.32 -3.76
C GLU A 48 -16.12 13.94 -2.38
N ILE A 49 -14.88 14.12 -1.91
CA ILE A 49 -14.68 14.60 -0.56
C ILE A 49 -15.08 16.07 -0.46
N ALA A 50 -15.92 16.38 0.52
CA ALA A 50 -16.43 17.73 0.77
C ALA A 50 -15.73 18.40 1.95
N ALA A 51 -15.70 17.75 3.09
CA ALA A 51 -15.07 18.29 4.28
C ALA A 51 -14.32 17.19 5.02
N LEU A 52 -13.19 17.55 5.61
CA LEU A 52 -12.40 16.69 6.51
C LEU A 52 -12.27 17.45 7.81
N VAL A 53 -12.89 16.94 8.87
CA VAL A 53 -13.04 17.70 10.10
C VAL A 53 -12.09 17.16 11.16
N SER A 54 -11.37 18.06 11.80
CA SER A 54 -10.46 17.73 12.89
C SER A 54 -10.24 19.02 13.64
N GLU A 55 -10.62 19.05 14.93
CA GLU A 55 -10.49 20.31 15.66
C GLU A 55 -9.02 20.67 15.91
N THR A 56 -8.16 19.66 16.00
CA THR A 56 -6.74 19.89 16.34
C THR A 56 -5.93 20.38 15.13
N TYR A 57 -6.23 19.91 13.92
CA TYR A 57 -5.39 20.26 12.75
C TYR A 57 -6.13 21.19 11.80
N ALA A 58 -7.14 21.89 12.29
CA ALA A 58 -7.94 22.79 11.44
C ALA A 58 -7.08 23.90 10.84
N ASP A 59 -7.33 24.24 9.57
CA ASP A 59 -6.57 25.30 8.84
C ASP A 59 -5.29 24.71 8.22
N LYS A 60 -5.06 23.43 8.43
CA LYS A 60 -3.95 22.71 7.74
C LYS A 60 -4.53 21.88 6.60
N MET A 61 -3.72 21.61 5.59
CA MET A 61 -4.16 20.71 4.51
C MET A 61 -3.97 19.27 4.98
N PHE A 62 -4.80 18.35 4.54
CA PHE A 62 -4.69 16.93 4.97
C PHE A 62 -3.29 16.43 4.65
N SER A 63 -2.72 16.92 3.54
CA SER A 63 -1.38 16.51 3.19
C SER A 63 -0.28 17.16 4.04
N ASP A 64 -0.59 18.23 4.80
CA ASP A 64 0.34 18.66 5.84
C ASP A 64 0.43 17.62 6.95
N VAL A 65 -0.70 17.02 7.36
CA VAL A 65 -0.68 15.98 8.38
C VAL A 65 -0.11 14.67 7.83
N TYR A 66 -0.49 14.30 6.60
CA TYR A 66 -0.02 13.08 5.94
C TYR A 66 0.66 13.45 4.63
N PRO A 67 1.97 13.71 4.66
CA PRO A 67 2.67 14.18 3.45
C PRO A 67 2.67 13.16 2.32
N ARG A 68 2.42 11.88 2.61
CA ARG A 68 2.36 10.93 1.51
C ARG A 68 1.23 11.30 0.54
N LEU A 69 0.19 11.97 1.02
CA LEU A 69 -0.96 12.35 0.19
C LEU A 69 -0.79 13.73 -0.49
N ARG A 70 0.38 14.34 -0.42
CA ARG A 70 0.61 15.62 -1.10
C ARG A 70 0.39 15.52 -2.61
N SER A 71 -0.51 16.36 -3.13
CA SER A 71 -1.00 16.46 -4.52
C SER A 71 -2.07 15.42 -4.82
N ILE A 72 -2.42 14.56 -3.86
CA ILE A 72 -3.51 13.62 -4.00
C ILE A 72 -4.72 14.05 -3.18
N CYS A 73 -4.53 14.38 -1.92
CA CYS A 73 -5.61 14.98 -1.15
C CYS A 73 -5.04 16.14 -0.37
N ASP A 74 -5.25 17.34 -0.90
CA ASP A 74 -4.77 18.56 -0.30
C ASP A 74 -5.89 19.36 0.33
N VAL A 75 -7.03 18.71 0.63
CA VAL A 75 -8.19 19.41 1.17
C VAL A 75 -7.83 20.10 2.47
N VAL A 76 -8.27 21.34 2.63
CA VAL A 76 -8.07 22.07 3.89
C VAL A 76 -8.97 21.49 4.98
N ILE A 77 -8.36 21.16 6.13
CA ILE A 77 -9.12 20.60 7.26
C ILE A 77 -9.87 21.71 7.97
N THR A 78 -11.11 21.45 8.36
CA THR A 78 -11.94 22.46 8.99
C THR A 78 -12.33 22.01 10.39
N GLY A 79 -12.95 22.92 11.14
CA GLY A 79 -13.34 22.61 12.52
C GLY A 79 -14.70 21.97 12.62
N ARG A 80 -15.19 21.82 13.85
CA ARG A 80 -16.47 21.11 14.10
C ARG A 80 -17.68 22.01 13.88
N ASP A 81 -18.13 22.15 12.64
CA ASP A 81 -19.39 22.88 12.37
C ASP A 81 -20.31 21.88 11.67
N TYR A 82 -21.18 21.23 12.44
CA TYR A 82 -21.99 20.16 11.86
C TYR A 82 -23.04 20.69 10.90
N ASP A 83 -23.57 21.90 11.16
CA ASP A 83 -24.44 22.56 10.20
C ASP A 83 -23.72 22.80 8.88
N ALA A 84 -22.46 23.26 8.94
CA ALA A 84 -21.69 23.42 7.71
C ALA A 84 -21.57 22.09 6.97
N VAL A 85 -21.26 21.01 7.70
CA VAL A 85 -21.03 19.70 7.07
C VAL A 85 -22.31 19.17 6.43
N ALA A 86 -23.44 19.28 7.14
CA ALA A 86 -24.69 18.73 6.60
C ALA A 86 -25.11 19.46 5.33
N GLU A 87 -24.84 20.76 5.22
CA GLU A 87 -25.29 21.51 4.05
C GLU A 87 -24.47 21.22 2.80
N ILE A 88 -23.26 20.67 2.93
CA ILE A 88 -22.44 20.42 1.75
C ILE A 88 -22.27 18.93 1.45
N SER A 89 -22.83 18.04 2.27
CA SER A 89 -22.58 16.62 2.14
C SER A 89 -23.88 15.82 2.04
N ASP A 90 -23.82 14.74 1.25
CA ASP A 90 -24.87 13.73 1.20
C ASP A 90 -24.66 12.61 2.19
N ALA A 91 -23.45 12.48 2.74
CA ALA A 91 -23.09 11.30 3.54
C ALA A 91 -21.91 11.67 4.43
N VAL A 92 -21.84 11.05 5.61
CA VAL A 92 -20.76 11.34 6.52
C VAL A 92 -20.25 10.05 7.16
N PHE A 93 -18.92 9.95 7.26
CA PHE A 93 -18.22 8.94 8.06
C PHE A 93 -17.80 9.56 9.38
N LEU A 94 -18.16 8.94 10.49
CA LEU A 94 -17.79 9.45 11.82
C LEU A 94 -16.68 8.58 12.39
N CYS A 95 -15.52 9.16 12.57
CA CYS A 95 -14.41 8.51 13.27
C CYS A 95 -14.18 9.14 14.63
N LEU A 96 -15.24 9.47 15.34
CA LEU A 96 -15.24 10.09 16.65
C LEU A 96 -15.17 9.05 17.75
N PRO A 97 -14.80 9.46 18.99
CA PRO A 97 -14.81 8.54 20.11
C PRO A 97 -16.24 8.40 20.62
N HIS A 98 -16.44 7.62 21.69
CA HIS A 98 -17.81 7.38 22.21
C HIS A 98 -18.47 8.67 22.70
N ALA A 99 -19.79 8.64 22.84
CA ALA A 99 -20.54 9.79 23.37
C ALA A 99 -20.63 10.93 22.35
N ALA A 100 -19.49 11.45 21.90
CA ALA A 100 -19.54 12.49 20.86
C ALA A 100 -20.13 11.87 19.60
N ALA A 101 -19.84 10.59 19.40
CA ALA A 101 -20.33 9.92 18.20
C ALA A 101 -21.84 9.83 18.20
N GLN A 102 -22.45 9.58 19.37
CA GLN A 102 -23.91 9.52 19.49
C GLN A 102 -24.55 10.83 19.05
N ASP A 103 -24.05 11.96 19.58
CA ASP A 103 -24.65 13.24 19.25
C ASP A 103 -24.51 13.55 17.76
N ALA A 104 -23.34 13.29 17.20
CA ALA A 104 -23.11 13.59 15.78
C ALA A 104 -23.96 12.69 14.90
N ALA A 105 -23.96 11.39 15.19
CA ALA A 105 -24.74 10.46 14.39
C ALA A 105 -26.22 10.84 14.39
N ALA A 106 -26.75 11.22 15.57
CA ALA A 106 -28.15 11.63 15.68
C ALA A 106 -28.42 12.87 14.86
N PHE A 107 -27.50 13.83 14.87
CA PHE A 107 -27.67 15.06 14.12
C PHE A 107 -27.68 14.80 12.63
N PHE A 108 -26.63 14.16 12.12
CA PHE A 108 -26.57 13.91 10.68
C PHE A 108 -27.69 13.00 10.20
N TYR A 109 -28.16 12.06 11.04
CA TYR A 109 -29.26 11.19 10.65
C TYR A 109 -30.53 11.98 10.37
N GLU A 110 -30.93 12.85 11.32
CA GLU A 110 -32.19 13.55 11.11
C GLU A 110 -32.09 14.61 10.05
N LYS A 111 -30.88 15.14 9.80
CA LYS A 111 -30.66 15.99 8.63
C LYS A 111 -30.83 15.24 7.32
N GLY A 112 -30.93 13.92 7.32
CA GLY A 112 -31.18 13.19 6.10
C GLY A 112 -29.96 12.65 5.38
N LEU A 113 -28.79 12.64 6.02
CA LEU A 113 -27.57 12.10 5.41
C LEU A 113 -27.49 10.57 5.60
N LYS A 114 -26.63 9.95 4.82
CA LYS A 114 -26.32 8.53 5.08
C LYS A 114 -25.17 8.59 6.10
N VAL A 115 -25.21 7.78 7.15
CA VAL A 115 -24.23 7.85 8.22
C VAL A 115 -23.56 6.50 8.42
N VAL A 116 -22.23 6.47 8.43
CA VAL A 116 -21.46 5.31 8.89
C VAL A 116 -20.66 5.73 10.11
N ASP A 117 -20.93 5.09 11.23
CA ASP A 117 -20.30 5.43 12.50
C ASP A 117 -19.28 4.34 12.81
N PHE A 118 -18.00 4.74 12.94
CA PHE A 118 -16.93 3.79 13.25
C PHE A 118 -16.96 3.32 14.70
N SER A 119 -17.59 4.09 15.60
CA SER A 119 -17.53 3.83 17.02
C SER A 119 -18.39 2.63 17.37
N ALA A 120 -18.35 2.25 18.65
CA ALA A 120 -19.15 1.15 19.18
C ALA A 120 -20.56 1.57 19.59
N ASP A 121 -20.87 2.87 19.55
CA ASP A 121 -22.06 3.41 20.21
C ASP A 121 -23.37 2.81 19.68
N PHE A 122 -23.42 2.36 18.42
CA PHE A 122 -24.66 1.82 17.84
C PHE A 122 -24.52 0.37 17.39
N ARG A 123 -23.45 -0.32 17.82
CA ARG A 123 -23.24 -1.71 17.41
C ARG A 123 -24.10 -2.67 18.20
N LEU A 124 -24.27 -2.46 19.51
CA LEU A 124 -24.92 -3.43 20.39
C LEU A 124 -26.38 -3.03 20.62
N LYS A 125 -27.31 -3.82 20.09
CA LYS A 125 -28.73 -3.52 20.28
C LYS A 125 -29.14 -3.56 21.76
N ASP A 126 -28.37 -4.24 22.62
CA ASP A 126 -28.65 -4.33 24.05
C ASP A 126 -28.01 -3.13 24.75
N LYS A 127 -28.86 -2.18 25.18
CA LYS A 127 -28.40 -0.88 25.67
C LYS A 127 -27.60 -1.00 26.99
N LYS A 128 -28.05 -1.85 27.91
CA LYS A 128 -27.38 -1.98 29.20
C LYS A 128 -26.00 -2.61 29.03
N LEU A 129 -25.88 -3.58 28.15
CA LEU A 129 -24.58 -4.18 27.84
C LEU A 129 -23.60 -3.11 27.38
N TYR A 130 -24.05 -2.24 26.47
CA TYR A 130 -23.23 -1.12 26.01
C TYR A 130 -22.77 -0.25 27.18
N GLU A 131 -23.71 0.22 28.00
CA GLU A 131 -23.38 1.11 29.10
C GLU A 131 -22.44 0.43 30.06
N ALA A 132 -22.64 -0.88 30.30
CA ALA A 132 -21.76 -1.61 31.22
C ALA A 132 -20.35 -1.75 30.66
N THR A 133 -20.24 -2.02 29.36
CA THR A 133 -18.93 -2.22 28.73
C THR A 133 -18.18 -0.91 28.57
N TYR A 134 -18.85 0.13 28.07
CA TYR A 134 -18.21 1.38 27.70
C TYR A 134 -18.28 2.45 28.79
N LYS A 135 -18.97 2.13 29.88
CA LYS A 135 -19.04 3.02 31.08
C LYS A 135 -19.57 4.41 30.71
N VAL A 136 -20.49 4.49 29.77
CA VAL A 136 -21.12 5.79 29.40
C VAL A 136 -22.60 5.54 29.08
N ASP A 137 -23.44 6.56 29.18
CA ASP A 137 -24.90 6.35 29.01
C ASP A 137 -25.32 6.41 27.53
N HIS A 138 -26.27 5.57 27.12
CA HIS A 138 -26.81 5.61 25.75
C HIS A 138 -28.12 6.38 25.74
N THR A 139 -28.09 7.54 25.11
CA THR A 139 -29.19 8.50 25.17
C THR A 139 -30.01 8.57 23.88
N TYR A 140 -29.80 7.66 22.92
CA TYR A 140 -30.62 7.59 21.70
C TYR A 140 -31.13 6.19 21.47
N PRO A 141 -32.06 5.74 22.31
CA PRO A 141 -32.57 4.36 22.20
C PRO A 141 -33.28 4.03 20.88
N ASP A 142 -34.05 4.96 20.31
CA ASP A 142 -34.75 4.64 19.06
C ASP A 142 -33.80 4.50 17.89
N LEU A 143 -32.80 5.40 17.82
CA LEU A 143 -31.76 5.28 16.79
C LEU A 143 -31.00 3.97 16.94
N LEU A 144 -30.70 3.56 18.17
CA LEU A 144 -30.02 2.28 18.39
C LEU A 144 -30.80 1.13 17.79
N ARG A 145 -32.14 1.19 17.88
CA ARG A 145 -32.97 0.18 17.25
C ARG A 145 -32.86 0.23 15.74
N LYS A 146 -32.63 1.41 15.17
CA LYS A 146 -32.59 1.49 13.70
C LYS A 146 -31.23 1.12 13.11
N ALA A 147 -30.15 1.24 13.86
CA ALA A 147 -28.82 1.08 13.27
C ALA A 147 -28.61 -0.34 12.78
N VAL A 148 -27.91 -0.48 11.66
CA VAL A 148 -27.62 -1.79 11.11
C VAL A 148 -26.14 -2.12 11.39
N TYR A 149 -25.86 -3.34 11.84
CA TYR A 149 -24.46 -3.79 12.06
C TYR A 149 -23.80 -3.97 10.69
N GLY A 150 -22.74 -3.22 10.41
CA GLY A 150 -22.15 -3.20 9.06
C GLY A 150 -21.20 -4.31 8.67
N LEU A 151 -21.60 -5.57 8.76
CA LEU A 151 -20.78 -6.67 8.23
C LEU A 151 -21.34 -6.93 6.84
N PRO A 152 -20.75 -6.34 5.78
CA PRO A 152 -21.34 -6.40 4.44
C PRO A 152 -21.58 -7.80 3.86
N GLU A 153 -20.74 -8.78 4.19
CA GLU A 153 -20.91 -10.11 3.59
C GLU A 153 -21.94 -10.92 4.38
N ILE A 154 -22.45 -10.37 5.49
CA ILE A 154 -23.49 -11.09 6.20
C ILE A 154 -24.83 -10.35 6.16
N PHE A 155 -24.83 -9.04 6.41
CA PHE A 155 -26.08 -8.30 6.62
C PHE A 155 -26.39 -7.33 5.45
N GLU A 156 -25.90 -7.68 4.26
CA GLU A 156 -26.08 -6.84 3.08
C GLU A 156 -27.54 -6.47 2.81
N VAL A 157 -28.46 -7.39 3.07
CA VAL A 157 -29.88 -7.13 2.78
C VAL A 157 -30.34 -5.93 3.58
N ASP A 158 -29.93 -5.86 4.86
CA ASP A 158 -30.35 -4.81 5.77
C ASP A 158 -29.56 -3.53 5.54
N ILE A 159 -28.28 -3.64 5.17
CA ILE A 159 -27.47 -2.45 4.96
C ILE A 159 -28.00 -1.65 3.77
N LYS A 160 -28.36 -2.34 2.70
CA LYS A 160 -28.86 -1.65 1.49
C LYS A 160 -30.06 -0.75 1.78
N LYS A 161 -30.87 -1.06 2.79
CA LYS A 161 -32.01 -0.21 3.16
C LYS A 161 -31.72 0.76 4.30
N ALA A 162 -30.51 0.76 4.88
CA ALA A 162 -30.23 1.56 6.06
C ALA A 162 -29.81 2.99 5.70
N GLU A 163 -30.03 3.91 6.63
CA GLU A 163 -29.38 5.20 6.57
C GLU A 163 -28.41 5.40 7.73
N LEU A 164 -28.38 4.51 8.71
CA LEU A 164 -27.42 4.58 9.81
C LEU A 164 -26.82 3.20 9.98
N VAL A 165 -25.50 3.09 9.85
CA VAL A 165 -24.84 1.81 9.93
C VAL A 165 -23.75 1.93 10.97
N ALA A 166 -23.70 0.98 11.88
CA ALA A 166 -22.65 0.88 12.89
C ALA A 166 -21.54 0.01 12.29
N ASN A 167 -20.39 0.61 12.01
CA ASN A 167 -19.29 -0.16 11.46
C ASN A 167 -18.76 -1.13 12.53
N PRO A 168 -18.59 -2.41 12.20
CA PRO A 168 -18.10 -3.40 13.19
C PRO A 168 -16.68 -3.10 13.67
N GLY A 169 -16.34 -3.65 14.85
CA GLY A 169 -14.95 -3.55 15.33
C GLY A 169 -14.02 -4.45 14.53
N CYS A 170 -12.71 -4.17 14.62
CA CYS A 170 -11.74 -4.88 13.76
C CYS A 170 -11.58 -6.35 14.18
N TYR A 171 -11.27 -6.61 15.44
CA TYR A 171 -11.25 -8.01 15.89
C TYR A 171 -12.58 -8.75 15.66
N PRO A 172 -13.75 -8.20 15.98
CA PRO A 172 -15.01 -8.93 15.65
C PRO A 172 -15.13 -9.33 14.18
N THR A 173 -14.66 -8.49 13.26
CA THR A 173 -14.69 -8.85 11.84
C THR A 173 -13.89 -10.11 11.55
N SER A 174 -12.70 -10.23 12.16
CA SER A 174 -11.89 -11.39 11.82
C SER A 174 -12.46 -12.68 12.41
N VAL A 175 -13.22 -12.61 13.50
CA VAL A 175 -13.75 -13.79 14.19
C VAL A 175 -15.18 -14.13 13.74
N ILE A 176 -16.03 -13.10 13.62
CA ILE A 176 -17.43 -13.34 13.22
C ILE A 176 -17.50 -13.93 11.82
N THR A 177 -16.73 -13.37 10.86
CA THR A 177 -16.88 -13.74 9.46
C THR A 177 -16.73 -15.25 9.22
N PRO A 178 -15.66 -15.92 9.67
CA PRO A 178 -15.58 -17.37 9.43
C PRO A 178 -16.52 -18.18 10.30
N LEU A 179 -16.89 -17.71 11.50
CA LEU A 179 -17.71 -18.58 12.34
C LEU A 179 -19.18 -18.55 11.96
N TYR A 180 -19.67 -17.41 11.50
CA TYR A 180 -21.11 -17.22 11.21
C TYR A 180 -21.77 -18.36 10.40
N PRO A 181 -21.29 -18.70 9.19
CA PRO A 181 -21.97 -19.76 8.43
C PRO A 181 -21.89 -21.15 9.07
N LEU A 182 -20.82 -21.44 9.82
CA LEU A 182 -20.62 -22.78 10.39
C LEU A 182 -21.53 -22.98 11.57
N LEU A 183 -21.75 -21.91 12.34
CA LEU A 183 -22.71 -22.01 13.43
C LEU A 183 -24.12 -22.17 12.89
N LYS A 184 -24.46 -21.39 11.85
CA LYS A 184 -25.84 -21.37 11.34
C LYS A 184 -26.20 -22.70 10.71
N ALA A 185 -25.25 -23.30 10.01
CA ALA A 185 -25.39 -24.62 9.40
C ALA A 185 -25.22 -25.76 10.41
N GLY A 186 -24.86 -25.46 11.66
CA GLY A 186 -24.71 -26.46 12.71
C GLY A 186 -23.48 -27.34 12.61
N LEU A 187 -22.45 -26.92 11.89
CA LEU A 187 -21.30 -27.78 11.66
C LEU A 187 -20.24 -27.72 12.78
N ILE A 188 -20.32 -26.73 13.67
CA ILE A 188 -19.41 -26.65 14.81
C ILE A 188 -20.25 -26.42 16.04
N SER A 189 -19.72 -26.85 17.16
CA SER A 189 -20.39 -26.61 18.41
C SER A 189 -20.36 -25.13 18.77
N PRO A 190 -21.44 -24.60 19.37
CA PRO A 190 -21.42 -23.19 19.78
C PRO A 190 -20.70 -22.94 21.10
N GLU A 191 -20.32 -24.00 21.83
CA GLU A 191 -19.70 -23.92 23.13
C GLU A 191 -18.21 -24.22 23.01
N GLY A 192 -17.43 -23.59 23.90
CA GLY A 192 -16.02 -23.92 24.02
C GLY A 192 -15.09 -23.24 23.03
N ILE A 193 -15.61 -22.33 22.20
CA ILE A 193 -14.78 -21.71 21.14
C ILE A 193 -13.76 -20.76 21.77
N ILE A 194 -12.52 -20.84 21.32
CA ILE A 194 -11.44 -19.96 21.77
C ILE A 194 -10.89 -19.22 20.55
N ALA A 195 -10.87 -17.89 20.63
CA ALA A 195 -10.26 -17.04 19.60
C ALA A 195 -9.02 -16.39 20.22
N ASP A 196 -7.83 -16.84 19.80
CA ASP A 196 -6.57 -16.24 20.25
C ASP A 196 -6.08 -15.27 19.16
N SER A 197 -6.23 -13.98 19.39
CA SER A 197 -6.10 -13.01 18.30
C SER A 197 -4.98 -12.02 18.58
N LYS A 198 -4.40 -11.49 17.49
CA LYS A 198 -3.18 -10.70 17.55
C LYS A 198 -3.29 -9.54 16.59
N SER A 199 -2.93 -8.33 17.04
CA SER A 199 -3.07 -7.13 16.20
C SER A 199 -1.81 -6.26 16.21
N GLY A 200 -1.58 -5.61 15.07
CA GLY A 200 -0.60 -4.54 14.98
C GLY A 200 -0.96 -3.36 15.84
N VAL A 201 0.06 -2.52 16.12
CA VAL A 201 -0.11 -1.41 17.07
C VAL A 201 -1.05 -0.31 16.56
N THR A 202 -1.27 -0.19 15.25
CA THR A 202 -2.20 0.83 14.76
C THR A 202 -3.60 0.65 15.35
N GLY A 203 -3.92 -0.53 15.89
CA GLY A 203 -5.19 -0.72 16.60
C GLY A 203 -5.40 0.21 17.79
N ALA A 204 -4.33 0.73 18.38
CA ALA A 204 -4.47 1.70 19.48
C ALA A 204 -4.87 3.09 19.00
N GLY A 205 -4.82 3.38 17.70
CA GLY A 205 -5.10 4.71 17.20
C GLY A 205 -3.89 5.62 17.35
N ARG A 206 -3.99 6.80 16.74
CA ARG A 206 -2.90 7.80 16.80
C ARG A 206 -2.88 8.34 18.23
N LYS A 207 -2.03 7.78 19.07
CA LYS A 207 -2.06 8.15 20.51
C LYS A 207 -0.66 8.53 20.98
N ALA A 208 -0.61 9.37 22.01
CA ALA A 208 0.69 9.79 22.58
C ALA A 208 1.03 8.93 23.80
N ASP A 209 0.20 7.96 24.16
CA ASP A 209 0.47 7.19 25.37
C ASP A 209 1.89 6.58 25.38
N ILE A 210 2.55 6.60 26.55
CA ILE A 210 3.86 5.92 26.68
C ILE A 210 3.76 4.47 26.23
N ALA A 211 2.65 3.79 26.55
CA ALA A 211 2.47 2.38 26.18
C ALA A 211 2.47 2.13 24.67
N TYR A 212 2.21 3.14 23.83
CA TYR A 212 2.22 2.97 22.39
C TYR A 212 3.44 3.64 21.76
N SER A 213 4.43 3.98 22.57
CA SER A 213 5.63 4.58 22.01
C SER A 213 6.46 3.51 21.31
N PHE A 214 7.31 3.94 20.37
CA PHE A 214 8.13 2.99 19.62
C PHE A 214 8.97 2.11 20.54
N CYS A 215 9.64 2.72 21.51
CA CYS A 215 10.58 1.97 22.34
C CYS A 215 9.87 0.98 23.27
N GLU A 216 8.61 1.22 23.61
CA GLU A 216 7.89 0.27 24.47
C GLU A 216 7.34 -0.89 23.67
N CYS A 217 6.94 -0.68 22.40
CA CYS A 217 6.34 -1.77 21.63
C CYS A 217 7.34 -2.55 20.79
N ASN A 218 8.34 -1.86 20.23
CA ASN A 218 9.32 -2.52 19.36
C ASN A 218 9.94 -3.74 20.04
N GLU A 219 10.00 -4.87 19.32
CA GLU A 219 10.54 -6.15 19.79
C GLU A 219 9.75 -6.77 20.95
N ASP A 220 8.59 -6.25 21.31
CA ASP A 220 7.83 -6.77 22.45
C ASP A 220 6.58 -7.47 21.94
N PHE A 221 6.15 -8.54 22.61
CA PHE A 221 4.90 -9.20 22.24
C PHE A 221 4.13 -9.44 23.53
N ARG A 222 2.85 -9.02 23.57
CA ARG A 222 2.11 -9.22 24.85
C ARG A 222 0.62 -9.45 24.67
N PRO A 223 0.03 -10.38 25.44
CA PRO A 223 -1.40 -10.35 25.69
C PRO A 223 -1.81 -9.09 26.41
N TYR A 224 -3.10 -8.74 26.27
CA TYR A 224 -3.68 -7.68 27.07
C TYR A 224 -5.17 -7.94 27.24
N ALA A 225 -5.82 -7.16 28.12
CA ALA A 225 -7.29 -7.21 28.31
C ALA A 225 -7.79 -8.64 28.50
N ILE A 226 -7.15 -9.38 29.41
CA ILE A 226 -7.50 -10.77 29.64
C ILE A 226 -8.83 -10.82 30.39
N PHE A 227 -9.81 -11.54 29.79
CA PHE A 227 -11.21 -11.61 30.23
C PHE A 227 -11.90 -10.25 30.26
N SER A 228 -11.42 -9.26 29.53
CA SER A 228 -12.02 -7.94 29.71
C SER A 228 -12.08 -7.09 28.44
N HIS A 229 -11.78 -7.62 27.27
CA HIS A 229 -11.71 -6.74 26.10
C HIS A 229 -13.14 -6.47 25.59
N ARG A 230 -13.42 -5.20 25.27
CA ARG A 230 -14.76 -4.76 24.87
C ARG A 230 -15.24 -5.42 23.59
N HIS A 231 -14.39 -6.11 22.84
CA HIS A 231 -14.92 -6.79 21.62
C HIS A 231 -15.49 -8.19 21.89
N ASN A 232 -15.29 -8.77 23.07
CA ASN A 232 -15.76 -10.15 23.33
C ASN A 232 -17.30 -10.19 23.32
N PRO A 233 -18.01 -9.29 24.04
CA PRO A 233 -19.47 -9.24 23.97
C PRO A 233 -20.01 -9.01 22.55
N GLU A 234 -19.37 -8.15 21.77
CA GLU A 234 -19.79 -7.89 20.37
C GLU A 234 -19.78 -9.19 19.57
N ILE A 235 -18.72 -9.96 19.70
CA ILE A 235 -18.61 -11.23 18.94
C ILE A 235 -19.79 -12.13 19.31
N ASN A 236 -20.05 -12.28 20.60
CA ASN A 236 -21.11 -13.22 21.00
C ASN A 236 -22.50 -12.67 20.74
N GLU A 237 -22.70 -11.35 20.86
CA GLU A 237 -24.02 -10.79 20.55
C GLU A 237 -24.36 -10.97 19.07
N VAL A 238 -23.40 -10.76 18.18
CA VAL A 238 -23.65 -10.91 16.76
C VAL A 238 -23.85 -12.38 16.41
N LEU A 239 -23.02 -13.28 16.95
CA LEU A 239 -23.17 -14.67 16.55
C LEU A 239 -24.49 -15.29 17.02
N LYS A 240 -25.09 -14.78 18.10
CA LYS A 240 -26.43 -15.23 18.50
C LYS A 240 -27.41 -15.17 17.33
N GLU A 241 -27.19 -14.25 16.39
CA GLU A 241 -28.08 -14.13 15.24
C GLU A 241 -28.08 -15.39 14.38
N THR A 242 -27.12 -16.30 14.58
CA THR A 242 -27.15 -17.57 13.86
C THR A 242 -28.23 -18.51 14.40
N GLY A 243 -28.91 -18.15 15.49
CA GLY A 243 -29.84 -19.01 16.18
C GLY A 243 -29.23 -19.81 17.29
N LYS A 244 -27.92 -19.70 17.45
CA LYS A 244 -27.21 -20.47 18.50
C LYS A 244 -26.51 -19.49 19.45
N GLU A 245 -26.77 -19.63 20.74
CA GLU A 245 -26.07 -18.79 21.75
C GLU A 245 -24.61 -19.25 21.83
N THR A 246 -23.69 -18.29 21.82
CA THR A 246 -22.25 -18.62 21.82
C THR A 246 -21.59 -18.07 23.08
N ASN A 247 -20.48 -18.67 23.48
CA ASN A 247 -19.70 -18.17 24.64
C ASN A 247 -18.22 -18.05 24.21
N VAL A 248 -17.97 -17.50 23.02
CA VAL A 248 -16.59 -17.37 22.52
C VAL A 248 -15.73 -16.70 23.56
N LEU A 249 -14.58 -17.29 23.83
CA LEU A 249 -13.59 -16.67 24.71
C LEU A 249 -12.54 -15.97 23.85
N PHE A 250 -12.38 -14.68 24.04
CA PHE A 250 -11.54 -13.89 23.14
C PHE A 250 -10.38 -13.27 23.90
N THR A 251 -9.15 -13.49 23.42
CA THR A 251 -7.94 -12.92 24.05
C THR A 251 -7.07 -12.23 23.01
N PRO A 252 -6.86 -10.92 23.09
CA PRO A 252 -6.04 -10.22 22.11
C PRO A 252 -4.59 -10.12 22.57
N HIS A 253 -3.71 -9.82 21.60
CA HIS A 253 -2.28 -9.73 21.80
C HIS A 253 -1.79 -8.63 20.88
N LEU A 254 -0.74 -7.94 21.29
CA LEU A 254 -0.15 -6.84 20.54
C LEU A 254 1.12 -7.33 19.83
N ILE A 255 1.11 -7.32 18.50
CA ILE A 255 2.21 -7.64 17.61
C ILE A 255 3.12 -6.42 17.42
N PRO A 256 4.47 -6.59 17.44
CA PRO A 256 5.39 -5.46 17.12
C PRO A 256 5.47 -5.22 15.61
N ALA A 257 4.33 -4.78 15.07
CA ALA A 257 4.16 -4.48 13.66
C ALA A 257 3.09 -3.43 13.59
N SER A 258 3.10 -2.62 12.52
CA SER A 258 2.14 -1.53 12.47
C SER A 258 0.70 -2.04 12.24
N LYS A 259 0.52 -2.94 11.29
CA LYS A 259 -0.82 -3.29 10.82
C LYS A 259 -0.99 -4.80 10.73
N GLY A 260 -2.22 -5.26 10.85
CA GLY A 260 -2.52 -6.64 10.57
C GLY A 260 -3.18 -7.27 11.77
N ILE A 261 -4.22 -8.08 11.52
CA ILE A 261 -4.80 -8.93 12.55
C ILE A 261 -4.72 -10.38 12.11
N GLU A 262 -4.31 -11.27 13.02
CA GLU A 262 -4.45 -12.71 12.84
C GLU A 262 -5.26 -13.27 13.98
N SER A 263 -6.28 -14.09 13.66
CA SER A 263 -7.05 -14.77 14.68
C SER A 263 -6.92 -16.28 14.48
N THR A 264 -6.40 -16.97 15.48
CA THR A 264 -6.42 -18.43 15.46
C THR A 264 -7.61 -18.88 16.30
N ILE A 265 -8.50 -19.63 15.68
CA ILE A 265 -9.79 -19.94 16.29
C ILE A 265 -9.94 -21.46 16.43
N TYR A 266 -10.23 -21.91 17.65
CA TYR A 266 -10.33 -23.32 17.97
C TYR A 266 -11.78 -23.71 18.19
N THR A 267 -12.22 -24.71 17.45
CA THR A 267 -13.62 -25.13 17.46
C THR A 267 -13.69 -26.65 17.46
N LYS A 268 -14.90 -27.17 17.72
CA LYS A 268 -15.16 -28.60 17.68
C LYS A 268 -16.23 -28.89 16.63
N THR A 269 -15.94 -29.83 15.73
CA THR A 269 -16.83 -30.12 14.62
C THR A 269 -17.14 -31.62 14.56
N THR A 270 -18.34 -31.95 14.07
CA THR A 270 -18.61 -33.32 13.66
C THR A 270 -18.35 -33.55 12.18
N ALA A 271 -18.20 -32.47 11.41
CA ALA A 271 -18.07 -32.55 9.97
C ALA A 271 -16.62 -32.78 9.54
N GLY A 272 -16.45 -33.21 8.30
CA GLY A 272 -15.13 -33.27 7.71
C GLY A 272 -14.76 -32.00 6.94
N LEU A 273 -13.47 -31.82 6.69
CA LEU A 273 -12.99 -30.63 5.97
C LEU A 273 -13.83 -30.29 4.73
N ALA A 274 -14.17 -31.29 3.91
CA ALA A 274 -14.86 -30.99 2.66
C ALA A 274 -16.21 -30.30 2.91
N GLU A 275 -16.93 -30.74 3.94
CA GLU A 275 -18.24 -30.15 4.25
C GLU A 275 -18.08 -28.75 4.84
N ILE A 276 -17.08 -28.57 5.70
CA ILE A 276 -16.82 -27.28 6.31
C ILE A 276 -16.43 -26.27 5.24
N SER A 277 -15.58 -26.68 4.31
CA SER A 277 -15.18 -25.80 3.22
C SER A 277 -16.38 -25.43 2.35
N ALA A 278 -17.23 -26.42 2.03
CA ALA A 278 -18.37 -26.14 1.17
C ALA A 278 -19.33 -25.16 1.85
N CYS A 279 -19.51 -25.28 3.16
CA CYS A 279 -20.38 -24.33 3.87
C CYS A 279 -19.87 -22.90 3.72
N LEU A 280 -18.58 -22.67 3.98
CA LEU A 280 -18.04 -21.31 3.90
C LEU A 280 -17.97 -20.81 2.46
N LYS A 281 -17.49 -21.64 1.53
CA LYS A 281 -17.39 -21.15 0.14
C LYS A 281 -18.78 -20.90 -0.47
N ASP A 282 -19.78 -21.67 -0.05
CA ASP A 282 -21.14 -21.42 -0.57
C ASP A 282 -21.69 -20.14 0.00
N PHE A 283 -21.47 -19.90 1.30
CA PHE A 283 -22.05 -18.73 1.95
C PHE A 283 -21.45 -17.44 1.39
N TYR A 284 -20.12 -17.43 1.15
CA TYR A 284 -19.40 -16.24 0.66
C TYR A 284 -19.17 -16.30 -0.85
N ARG A 285 -20.03 -17.04 -1.57
CA ARG A 285 -19.79 -17.37 -2.98
C ARG A 285 -19.62 -16.13 -3.85
N GLU A 286 -20.35 -15.07 -3.59
CA GLU A 286 -20.16 -13.96 -4.53
C GLU A 286 -19.29 -12.84 -3.98
N ARG A 287 -18.64 -13.05 -2.84
CA ARG A 287 -18.03 -11.95 -2.10
C ARG A 287 -16.55 -11.96 -2.40
N ARG A 288 -16.12 -11.05 -3.28
CA ARG A 288 -14.75 -11.03 -3.77
C ARG A 288 -13.73 -10.71 -2.66
N CYS A 289 -14.14 -10.08 -1.57
CA CYS A 289 -13.17 -9.77 -0.51
C CYS A 289 -12.84 -10.98 0.37
N VAL A 290 -13.58 -12.08 0.26
CA VAL A 290 -13.41 -13.22 1.14
C VAL A 290 -12.61 -14.28 0.41
N ARG A 291 -11.45 -14.67 0.93
CA ARG A 291 -10.60 -15.66 0.26
C ARG A 291 -10.43 -16.86 1.19
N ILE A 292 -11.00 -18.00 0.80
CA ILE A 292 -11.07 -19.19 1.64
C ILE A 292 -10.13 -20.27 1.09
N TYR A 293 -9.30 -20.84 1.97
CA TYR A 293 -8.33 -21.87 1.65
C TYR A 293 -8.64 -23.12 2.47
N ASP A 294 -8.58 -24.28 1.86
CA ASP A 294 -8.83 -25.54 2.56
C ASP A 294 -7.78 -26.57 2.24
N ASN A 295 -6.71 -26.16 1.56
CA ASN A 295 -5.72 -27.04 0.94
C ASN A 295 -4.41 -27.10 1.71
N GLY A 296 -4.38 -26.58 2.94
CA GLY A 296 -3.18 -26.51 3.74
C GLY A 296 -2.50 -25.16 3.78
N HIS A 297 -2.83 -24.26 2.85
CA HIS A 297 -2.31 -22.89 2.86
C HIS A 297 -2.65 -22.18 4.15
N ILE A 298 -1.67 -21.46 4.72
CA ILE A 298 -1.84 -20.75 5.98
C ILE A 298 -1.78 -19.25 5.71
N PRO A 299 -2.89 -18.51 5.90
CA PRO A 299 -2.84 -17.05 5.77
C PRO A 299 -1.88 -16.42 6.78
N SER A 300 -1.23 -15.33 6.34
CA SER A 300 -0.44 -14.51 7.26
C SER A 300 -0.83 -13.05 7.06
N THR A 301 -0.48 -12.21 8.04
CA THR A 301 -0.92 -10.82 7.91
C THR A 301 -0.34 -10.13 6.67
N ALA A 302 0.83 -10.53 6.18
CA ALA A 302 1.34 -9.83 5.00
C ALA A 302 0.49 -10.08 3.75
N ASP A 303 -0.31 -11.13 3.74
CA ASP A 303 -1.15 -11.45 2.57
C ASP A 303 -2.34 -10.49 2.44
N VAL A 304 -2.72 -9.82 3.53
CA VAL A 304 -3.90 -8.96 3.54
C VAL A 304 -3.57 -7.50 3.88
N THR A 305 -2.35 -7.19 4.36
CA THR A 305 -1.98 -5.81 4.69
C THR A 305 -2.06 -4.94 3.44
N ASP A 306 -2.63 -3.73 3.60
CA ASP A 306 -2.86 -2.74 2.54
C ASP A 306 -3.89 -3.21 1.51
N THR A 307 -4.74 -4.21 1.86
CA THR A 307 -5.84 -4.68 1.01
C THR A 307 -7.12 -4.70 1.82
N ASN A 308 -8.26 -4.86 1.12
CA ASN A 308 -9.54 -5.06 1.79
C ASN A 308 -9.90 -6.54 1.93
N PHE A 309 -8.93 -7.45 1.79
CA PHE A 309 -9.30 -8.87 1.81
C PHE A 309 -9.40 -9.40 3.24
N ILE A 310 -10.17 -10.48 3.39
CA ILE A 310 -10.09 -11.32 4.59
C ILE A 310 -9.70 -12.72 4.11
N ASP A 311 -8.61 -13.26 4.66
CA ASP A 311 -8.15 -14.58 4.25
C ASP A 311 -8.41 -15.57 5.37
N ILE A 312 -8.99 -16.70 5.01
CA ILE A 312 -9.42 -17.71 5.97
C ILE A 312 -8.82 -19.05 5.56
N GLY A 313 -8.08 -19.67 6.47
CA GLY A 313 -7.55 -21.01 6.28
C GLY A 313 -8.22 -21.99 7.24
N LEU A 314 -8.46 -23.20 6.78
CA LEU A 314 -9.21 -24.22 7.52
C LEU A 314 -8.33 -25.45 7.70
N PHE A 315 -8.34 -25.99 8.92
CA PHE A 315 -7.50 -27.14 9.25
C PHE A 315 -8.29 -28.05 10.17
N VAL A 316 -8.42 -29.31 9.79
CA VAL A 316 -9.24 -30.27 10.55
C VAL A 316 -8.41 -31.48 10.92
N LYS A 317 -8.51 -31.90 12.18
CA LYS A 317 -7.93 -33.17 12.64
C LYS A 317 -8.92 -33.82 13.62
N GLY A 318 -9.49 -34.95 13.22
CA GLY A 318 -10.57 -35.52 14.04
C GLY A 318 -11.74 -34.55 14.22
N GLU A 319 -12.13 -34.33 15.47
CA GLU A 319 -13.15 -33.36 15.84
C GLU A 319 -12.63 -31.95 16.08
N ARG A 320 -11.36 -31.65 15.79
CA ARG A 320 -10.84 -30.31 16.05
C ARG A 320 -10.76 -29.56 14.74
N LEU A 321 -11.37 -28.37 14.72
CA LEU A 321 -11.26 -27.50 13.57
C LEU A 321 -10.52 -26.24 14.03
N ILE A 322 -9.41 -25.93 13.37
CA ILE A 322 -8.69 -24.69 13.61
C ILE A 322 -8.92 -23.79 12.41
N ILE A 323 -9.30 -22.54 12.67
CA ILE A 323 -9.49 -21.52 11.65
C ILE A 323 -8.42 -20.44 11.85
N VAL A 324 -7.71 -20.11 10.78
CA VAL A 324 -6.79 -18.96 10.77
C VAL A 324 -7.48 -17.86 9.95
N SER A 325 -7.74 -16.71 10.56
CA SER A 325 -8.40 -15.59 9.88
C SER A 325 -7.54 -14.33 9.97
N CYS A 326 -7.18 -13.74 8.81
CA CYS A 326 -6.31 -12.57 8.70
C CYS A 326 -7.00 -11.42 7.97
N ILE A 327 -6.84 -10.20 8.50
CA ILE A 327 -7.30 -8.97 7.84
C ILE A 327 -6.26 -7.86 8.08
N ASP A 328 -6.31 -6.81 7.23
CA ASP A 328 -5.72 -5.53 7.60
C ASP A 328 -6.68 -4.88 8.61
N ASN A 329 -6.19 -4.56 9.80
CA ASN A 329 -7.06 -3.99 10.87
C ASN A 329 -7.66 -2.63 10.47
N LEU A 330 -6.93 -1.81 9.71
CA LEU A 330 -7.40 -0.45 9.37
C LEU A 330 -8.23 -0.44 8.08
N ILE A 331 -8.23 -1.53 7.31
CA ILE A 331 -8.97 -1.54 6.01
C ILE A 331 -10.19 -2.48 5.90
N LYS A 332 -10.00 -3.78 6.01
CA LYS A 332 -11.14 -4.72 6.18
C LYS A 332 -11.69 -4.63 7.60
N GLY A 333 -10.86 -4.30 8.58
CA GLY A 333 -11.31 -4.16 9.97
C GLY A 333 -11.91 -2.81 10.29
N SER A 334 -11.93 -1.88 9.33
CA SER A 334 -12.44 -0.52 9.61
C SER A 334 -12.81 0.27 8.35
N SER A 335 -11.85 1.00 7.77
CA SER A 335 -12.14 1.96 6.67
C SER A 335 -12.66 1.32 5.37
N GLY A 336 -12.05 0.23 4.90
CA GLY A 336 -12.55 -0.45 3.70
C GLY A 336 -13.96 -0.96 3.91
N MET A 337 -14.20 -1.55 5.08
CA MET A 337 -15.55 -2.04 5.42
C MET A 337 -16.50 -0.83 5.49
N ALA A 338 -16.02 0.28 6.01
CA ALA A 338 -16.86 1.48 6.04
C ALA A 338 -17.27 1.90 4.63
N VAL A 339 -16.35 1.85 3.67
CA VAL A 339 -16.72 2.22 2.31
C VAL A 339 -17.62 1.16 1.66
N GLN A 340 -17.40 -0.12 1.96
CA GLN A 340 -18.37 -1.12 1.49
C GLN A 340 -19.77 -0.79 2.00
N ASN A 341 -19.88 -0.49 3.31
CA ASN A 341 -21.17 -0.10 3.88
C ASN A 341 -21.75 1.12 3.15
N MET A 342 -20.94 2.16 2.96
CA MET A 342 -21.44 3.36 2.29
C MET A 342 -21.84 3.05 0.84
N ASN A 343 -21.00 2.29 0.14
CA ASN A 343 -21.36 1.85 -1.20
C ASN A 343 -22.76 1.22 -1.22
N LEU A 344 -23.01 0.31 -0.29
CA LEU A 344 -24.27 -0.42 -0.23
C LEU A 344 -25.44 0.51 0.07
N MET A 345 -25.26 1.44 1.02
CA MET A 345 -26.34 2.39 1.32
C MET A 345 -26.65 3.29 0.12
N CYS A 346 -25.65 3.54 -0.74
CA CYS A 346 -25.81 4.44 -1.87
C CYS A 346 -26.25 3.76 -3.17
N GLY A 347 -26.46 2.45 -3.13
CA GLY A 347 -26.92 1.73 -4.32
C GLY A 347 -25.79 1.30 -5.24
N PHE A 348 -24.55 1.43 -4.76
CA PHE A 348 -23.38 1.03 -5.56
C PHE A 348 -22.99 -0.41 -5.22
N ASP A 349 -22.09 -0.98 -6.03
CA ASP A 349 -21.55 -2.31 -5.69
C ASP A 349 -20.70 -2.15 -4.43
N ASP A 350 -20.74 -3.12 -3.54
CA ASP A 350 -20.01 -3.00 -2.25
C ASP A 350 -18.52 -2.79 -2.50
N THR A 351 -17.96 -3.37 -3.56
CA THR A 351 -16.53 -3.22 -3.83
C THR A 351 -16.16 -2.02 -4.71
N LEU A 352 -17.12 -1.14 -5.05
CA LEU A 352 -16.79 0.03 -5.86
C LEU A 352 -15.74 0.90 -5.18
N GLY A 353 -14.66 1.21 -5.91
CA GLY A 353 -13.54 2.00 -5.40
C GLY A 353 -12.59 1.23 -4.51
N ILE A 354 -12.75 -0.07 -4.44
CA ILE A 354 -12.02 -0.93 -3.50
C ILE A 354 -11.27 -2.02 -4.25
N LEU A 355 -11.98 -2.81 -5.03
CA LEU A 355 -11.34 -3.85 -5.84
C LEU A 355 -12.31 -4.34 -6.87
N PRO B 16 -11.19 -2.98 -16.35
CA PRO B 16 -11.64 -2.48 -17.67
C PRO B 16 -10.50 -2.46 -18.68
N ARG B 17 -10.64 -3.20 -19.79
CA ARG B 17 -9.61 -3.16 -20.85
C ARG B 17 -9.69 -1.82 -21.56
N GLY B 18 -8.55 -1.29 -21.96
CA GLY B 18 -8.51 0.00 -22.67
C GLY B 18 -8.49 -0.14 -24.18
N SER B 19 -8.93 0.89 -24.88
CA SER B 19 -8.97 0.90 -26.37
C SER B 19 -7.57 0.90 -26.98
N HIS B 20 -6.56 1.30 -26.21
CA HIS B 20 -5.17 1.24 -26.72
C HIS B 20 -4.39 0.14 -25.99
N MET B 21 -5.04 -0.99 -25.70
CA MET B 21 -4.38 -2.07 -24.98
C MET B 21 -3.13 -2.57 -25.73
N MET B 22 -2.06 -2.86 -24.98
CA MET B 22 -0.89 -3.57 -25.49
C MET B 22 -0.52 -4.71 -24.54
N LYS B 23 0.03 -5.78 -25.11
CA LYS B 23 0.46 -6.94 -24.34
C LYS B 23 1.90 -6.79 -23.86
N VAL B 24 2.12 -7.13 -22.59
CA VAL B 24 3.44 -6.97 -21.98
C VAL B 24 3.77 -8.22 -21.17
N SER B 25 5.04 -8.61 -21.19
CA SER B 25 5.48 -9.75 -20.40
C SER B 25 6.61 -9.30 -19.46
N VAL B 26 6.87 -10.12 -18.45
CA VAL B 26 7.92 -9.89 -17.45
C VAL B 26 8.79 -11.14 -17.36
N ILE B 27 10.09 -11.00 -17.65
CA ILE B 27 11.05 -12.08 -17.58
C ILE B 27 11.79 -11.93 -16.24
N GLY B 28 11.78 -12.98 -15.42
CA GLY B 28 12.26 -12.88 -14.05
C GLY B 28 11.23 -12.26 -13.11
N ALA B 29 9.97 -12.74 -13.16
CA ALA B 29 8.86 -12.03 -12.53
C ALA B 29 8.72 -12.20 -11.00
N THR B 30 9.43 -13.15 -10.36
CA THR B 30 9.09 -13.46 -8.97
C THR B 30 9.97 -12.77 -7.91
N GLY B 31 10.93 -11.92 -8.30
CA GLY B 31 11.66 -11.11 -7.32
C GLY B 31 10.80 -9.95 -6.87
N TYR B 32 11.34 -9.16 -5.95
CA TYR B 32 10.55 -8.06 -5.37
C TYR B 32 10.25 -6.97 -6.39
N THR B 33 11.17 -6.70 -7.33
CA THR B 33 10.87 -5.74 -8.38
C THR B 33 9.73 -6.25 -9.26
N GLY B 34 9.76 -7.54 -9.63
CA GLY B 34 8.68 -8.09 -10.43
C GLY B 34 7.33 -8.04 -9.73
N TYR B 35 7.32 -8.37 -8.44
CA TYR B 35 6.10 -8.21 -7.65
C TYR B 35 5.51 -6.79 -7.73
N GLU B 36 6.33 -5.76 -7.45
CA GLU B 36 5.85 -4.36 -7.52
C GLU B 36 5.42 -3.99 -8.95
N LEU B 37 6.12 -4.52 -9.94
CA LEU B 37 5.80 -4.25 -11.33
C LEU B 37 4.44 -4.86 -11.69
N VAL B 38 4.20 -6.12 -11.30
CA VAL B 38 2.93 -6.78 -11.57
C VAL B 38 1.77 -6.04 -10.91
N LYS B 39 1.96 -5.58 -9.65
CA LYS B 39 0.93 -4.76 -9.01
C LYS B 39 0.51 -3.58 -9.88
N ILE B 40 1.50 -2.86 -10.45
CA ILE B 40 1.18 -1.68 -11.25
C ILE B 40 0.55 -2.08 -12.57
N LEU B 41 1.14 -3.06 -13.26
CA LEU B 41 0.57 -3.51 -14.54
C LEU B 41 -0.87 -3.98 -14.40
N ALA B 42 -1.20 -4.68 -13.32
CA ALA B 42 -2.54 -5.25 -13.16
C ALA B 42 -3.58 -4.14 -13.10
N ASN B 43 -3.25 -3.02 -12.45
CA ASN B 43 -4.17 -1.88 -12.44
C ASN B 43 -3.97 -0.92 -13.63
N HIS B 44 -2.97 -1.12 -14.50
CA HIS B 44 -2.73 -0.16 -15.58
C HIS B 44 -3.90 -0.20 -16.58
N PRO B 45 -4.45 0.95 -16.99
CA PRO B 45 -5.64 0.93 -17.89
C PRO B 45 -5.38 0.50 -19.32
N GLU B 46 -4.12 0.37 -19.76
CA GLU B 46 -3.81 -0.04 -21.13
C GLU B 46 -2.92 -1.26 -21.25
N PHE B 47 -1.96 -1.45 -20.33
CA PHE B 47 -1.11 -2.63 -20.37
C PHE B 47 -1.86 -3.85 -19.82
N GLU B 48 -1.63 -4.98 -20.48
CA GLU B 48 -2.30 -6.21 -20.12
C GLU B 48 -1.26 -7.31 -20.10
N ILE B 49 -1.21 -8.07 -19.01
CA ILE B 49 -0.12 -9.01 -18.79
C ILE B 49 -0.34 -10.24 -19.67
N ALA B 50 0.70 -10.62 -20.42
CA ALA B 50 0.66 -11.79 -21.30
C ALA B 50 1.43 -12.97 -20.72
N ALA B 51 2.71 -12.79 -20.37
CA ALA B 51 3.44 -13.88 -19.74
C ALA B 51 4.23 -13.35 -18.53
N LEU B 52 4.40 -14.21 -17.54
CA LEU B 52 5.27 -13.94 -16.38
C LEU B 52 6.24 -15.12 -16.29
N VAL B 53 7.52 -14.85 -16.53
CA VAL B 53 8.52 -15.91 -16.69
C VAL B 53 9.41 -16.00 -15.46
N SER B 54 9.52 -17.22 -14.92
CA SER B 54 10.43 -17.53 -13.82
C SER B 54 10.74 -19.01 -13.86
N GLU B 55 11.99 -19.37 -14.18
CA GLU B 55 12.29 -20.81 -14.28
C GLU B 55 12.07 -21.54 -12.95
N THR B 56 12.31 -20.86 -11.82
CA THR B 56 12.14 -21.51 -10.52
C THR B 56 10.68 -21.82 -10.21
N TYR B 57 9.78 -20.88 -10.50
CA TYR B 57 8.36 -21.04 -10.08
C TYR B 57 7.42 -21.34 -11.25
N ALA B 58 7.95 -21.88 -12.34
CA ALA B 58 7.10 -22.25 -13.48
C ALA B 58 6.02 -23.24 -13.06
N ASP B 59 4.80 -23.09 -13.59
CA ASP B 59 3.66 -24.01 -13.30
C ASP B 59 3.03 -23.68 -11.94
N LYS B 60 3.42 -22.58 -11.35
CA LYS B 60 2.68 -21.99 -10.20
C LYS B 60 2.02 -20.69 -10.64
N MET B 61 0.86 -20.39 -10.05
CA MET B 61 0.20 -19.09 -10.32
C MET B 61 1.00 -18.02 -9.60
N PHE B 62 1.08 -16.82 -10.19
CA PHE B 62 1.79 -15.73 -9.55
C PHE B 62 1.33 -15.55 -8.11
N SER B 63 0.02 -15.70 -7.86
CA SER B 63 -0.51 -15.54 -6.51
C SER B 63 -0.23 -16.74 -5.59
N ASP B 64 0.33 -17.85 -6.09
CA ASP B 64 0.92 -18.84 -5.19
C ASP B 64 2.20 -18.32 -4.56
N VAL B 65 3.00 -17.58 -5.36
CA VAL B 65 4.23 -16.98 -4.84
C VAL B 65 3.90 -15.77 -3.98
N TYR B 66 2.93 -14.93 -4.42
CA TYR B 66 2.53 -13.73 -3.70
C TYR B 66 1.04 -13.75 -3.37
N PRO B 67 0.66 -14.43 -2.29
CA PRO B 67 -0.79 -14.60 -2.00
C PRO B 67 -1.51 -13.29 -1.80
N ARG B 68 -0.80 -12.17 -1.57
CA ARG B 68 -1.51 -10.89 -1.55
C ARG B 68 -2.27 -10.65 -2.86
N LEU B 69 -1.76 -11.14 -3.98
CA LEU B 69 -2.37 -10.89 -5.28
C LEU B 69 -3.43 -11.94 -5.68
N ARG B 70 -3.83 -12.82 -4.78
CA ARG B 70 -4.82 -13.83 -5.14
C ARG B 70 -6.13 -13.15 -5.55
N SER B 71 -6.63 -13.55 -6.73
CA SER B 71 -7.84 -13.04 -7.41
C SER B 71 -7.53 -11.72 -8.12
N ILE B 72 -6.31 -11.23 -8.05
CA ILE B 72 -5.90 -10.02 -8.73
C ILE B 72 -4.99 -10.34 -9.91
N CYS B 73 -3.91 -11.08 -9.64
CA CYS B 73 -3.07 -11.63 -10.70
C CYS B 73 -2.83 -13.10 -10.39
N ASP B 74 -3.56 -13.98 -11.08
CA ASP B 74 -3.43 -15.43 -10.91
C ASP B 74 -2.79 -16.09 -12.13
N VAL B 75 -2.10 -15.28 -12.95
CA VAL B 75 -1.45 -15.77 -14.17
C VAL B 75 -0.51 -16.91 -13.84
N VAL B 76 -0.55 -17.99 -14.64
CA VAL B 76 0.37 -19.11 -14.43
C VAL B 76 1.75 -18.74 -14.97
N ILE B 77 2.78 -18.93 -14.12
CA ILE B 77 4.16 -18.62 -14.48
C ILE B 77 4.67 -19.68 -15.44
N THR B 78 5.47 -19.27 -16.41
CA THR B 78 6.02 -20.16 -17.42
C THR B 78 7.55 -20.07 -17.36
N GLY B 79 8.21 -21.02 -18.03
CA GLY B 79 9.66 -21.04 -18.09
C GLY B 79 10.21 -20.14 -19.18
N ARG B 80 11.53 -20.27 -19.37
CA ARG B 80 12.31 -19.37 -20.26
C ARG B 80 12.30 -19.81 -21.71
N ASP B 81 11.18 -19.64 -22.38
CA ASP B 81 11.07 -19.87 -23.81
C ASP B 81 10.77 -18.51 -24.43
N TYR B 82 11.83 -17.86 -24.94
CA TYR B 82 11.71 -16.48 -25.37
C TYR B 82 10.92 -16.34 -26.68
N ASP B 83 10.96 -17.34 -27.55
CA ASP B 83 10.11 -17.30 -28.75
C ASP B 83 8.64 -17.19 -28.38
N ALA B 84 8.22 -17.94 -27.35
CA ALA B 84 6.82 -17.94 -26.96
C ALA B 84 6.40 -16.59 -26.41
N VAL B 85 7.30 -15.92 -25.68
CA VAL B 85 7.03 -14.58 -25.17
C VAL B 85 6.90 -13.59 -26.32
N ALA B 86 7.79 -13.69 -27.30
CA ALA B 86 7.79 -12.70 -28.37
C ALA B 86 6.51 -12.83 -29.20
N GLU B 87 6.01 -14.06 -29.36
CA GLU B 87 4.80 -14.29 -30.18
C GLU B 87 3.54 -13.72 -29.55
N ILE B 88 3.53 -13.47 -28.23
CA ILE B 88 2.31 -13.01 -27.58
C ILE B 88 2.44 -11.62 -26.95
N SER B 89 3.59 -10.95 -27.08
CA SER B 89 3.83 -9.66 -26.42
C SER B 89 4.21 -8.57 -27.41
N ASP B 90 3.71 -7.36 -27.17
CA ASP B 90 4.21 -6.14 -27.79
C ASP B 90 5.45 -5.56 -27.08
N ALA B 91 5.68 -5.94 -25.81
CA ALA B 91 6.78 -5.33 -25.06
C ALA B 91 7.17 -6.24 -23.91
N VAL B 92 8.40 -6.08 -23.41
CA VAL B 92 8.89 -6.97 -22.35
C VAL B 92 9.71 -6.18 -21.33
N PHE B 93 9.52 -6.53 -20.06
CA PHE B 93 10.35 -6.05 -18.94
C PHE B 93 11.29 -7.17 -18.51
N LEU B 94 12.59 -6.88 -18.39
CA LEU B 94 13.58 -7.89 -18.03
C LEU B 94 14.10 -7.57 -16.63
N CYS B 95 13.74 -8.41 -15.66
CA CYS B 95 14.40 -8.30 -14.36
C CYS B 95 15.32 -9.50 -14.23
N LEU B 96 16.31 -9.58 -15.10
CA LEU B 96 17.21 -10.71 -15.10
C LEU B 96 18.57 -10.27 -14.59
N PRO B 97 19.32 -11.22 -13.97
CA PRO B 97 20.64 -10.93 -13.47
C PRO B 97 21.64 -10.66 -14.60
N HIS B 98 22.88 -10.35 -14.23
CA HIS B 98 23.93 -10.01 -15.22
C HIS B 98 24.09 -11.11 -16.27
N ALA B 99 24.48 -10.74 -17.49
CA ALA B 99 24.75 -11.72 -18.57
C ALA B 99 23.53 -12.35 -19.23
N ALA B 100 22.67 -13.01 -18.46
CA ALA B 100 21.36 -13.44 -18.98
C ALA B 100 20.64 -12.24 -19.56
N ALA B 101 20.67 -11.10 -18.84
CA ALA B 101 19.92 -9.98 -19.36
C ALA B 101 20.42 -9.55 -20.73
N GLN B 102 21.70 -9.80 -21.02
CA GLN B 102 22.27 -9.36 -22.28
C GLN B 102 21.72 -10.16 -23.45
N ASP B 103 21.64 -11.48 -23.31
CA ASP B 103 21.12 -12.32 -24.39
C ASP B 103 19.61 -12.10 -24.60
N ALA B 104 18.85 -11.98 -23.52
CA ALA B 104 17.41 -11.75 -23.66
C ALA B 104 17.12 -10.44 -24.38
N ALA B 105 17.80 -9.37 -23.99
CA ALA B 105 17.55 -8.07 -24.59
C ALA B 105 17.98 -8.05 -26.06
N ALA B 106 19.00 -8.83 -26.43
CA ALA B 106 19.36 -8.90 -27.83
C ALA B 106 18.29 -9.64 -28.63
N PHE B 107 17.70 -10.67 -28.03
CA PHE B 107 16.67 -11.47 -28.69
C PHE B 107 15.41 -10.65 -28.95
N PHE B 108 14.82 -10.09 -27.89
CA PHE B 108 13.59 -9.33 -28.05
C PHE B 108 13.79 -8.07 -28.88
N TYR B 109 15.00 -7.53 -28.95
CA TYR B 109 15.21 -6.36 -29.81
C TYR B 109 15.08 -6.74 -31.29
N GLU B 110 15.72 -7.84 -31.70
CA GLU B 110 15.55 -8.32 -33.07
C GLU B 110 14.08 -8.52 -33.41
N LYS B 111 13.31 -9.15 -32.51
CA LYS B 111 11.91 -9.47 -32.82
C LYS B 111 10.99 -8.26 -32.83
N GLY B 112 11.47 -7.03 -32.66
CA GLY B 112 10.62 -5.86 -32.73
C GLY B 112 9.80 -5.51 -31.49
N LEU B 113 10.22 -5.97 -30.30
CA LEU B 113 9.57 -5.62 -29.04
C LEU B 113 10.23 -4.39 -28.41
N LYS B 114 9.41 -3.52 -27.80
CA LYS B 114 9.93 -2.54 -26.85
C LYS B 114 10.48 -3.27 -25.61
N VAL B 115 11.67 -2.86 -25.13
CA VAL B 115 12.32 -3.57 -24.03
C VAL B 115 12.72 -2.58 -22.95
N VAL B 116 12.47 -2.96 -21.68
CA VAL B 116 13.04 -2.26 -20.52
C VAL B 116 13.86 -3.26 -19.74
N ASP B 117 15.16 -2.99 -19.60
CA ASP B 117 16.07 -3.89 -18.90
C ASP B 117 16.40 -3.30 -17.53
N PHE B 118 16.07 -4.06 -16.47
CA PHE B 118 16.31 -3.60 -15.11
C PHE B 118 17.78 -3.67 -14.72
N SER B 119 18.57 -4.51 -15.39
CA SER B 119 19.93 -4.75 -14.97
C SER B 119 20.82 -3.55 -15.31
N ALA B 120 22.08 -3.65 -14.86
CA ALA B 120 23.11 -2.66 -15.13
C ALA B 120 23.79 -2.88 -16.48
N ASP B 121 23.60 -4.05 -17.11
CA ASP B 121 24.36 -4.45 -18.29
C ASP B 121 24.22 -3.50 -19.49
N PHE B 122 23.27 -2.55 -19.48
CA PHE B 122 23.14 -1.63 -20.61
C PHE B 122 23.08 -0.17 -20.18
N ARG B 123 23.42 0.12 -18.91
CA ARG B 123 23.35 1.47 -18.37
C ARG B 123 24.49 2.37 -18.85
N LEU B 124 25.73 1.88 -18.73
CA LEU B 124 26.91 2.67 -19.03
C LEU B 124 27.25 2.51 -20.52
N LYS B 125 27.09 3.58 -21.29
CA LYS B 125 27.46 3.54 -22.69
C LYS B 125 28.92 3.13 -22.89
N ASP B 126 29.81 3.57 -21.99
CA ASP B 126 31.22 3.23 -22.10
C ASP B 126 31.44 1.77 -21.71
N LYS B 127 31.66 0.91 -22.71
CA LYS B 127 32.01 -0.48 -22.47
C LYS B 127 33.20 -0.62 -21.52
N LYS B 128 34.15 0.33 -21.57
CA LYS B 128 35.35 0.22 -20.75
C LYS B 128 35.01 0.09 -19.26
N LEU B 129 34.01 0.84 -18.81
CA LEU B 129 33.58 0.75 -17.39
C LEU B 129 33.09 -0.68 -17.08
N TYR B 130 32.33 -1.29 -18.00
CA TYR B 130 31.82 -2.66 -17.81
C TYR B 130 32.97 -3.63 -17.53
N GLU B 131 33.99 -3.59 -18.39
CA GLU B 131 35.12 -4.53 -18.24
C GLU B 131 35.93 -4.13 -16.99
N HIS B 138 32.06 -7.29 -22.57
CA HIS B 138 30.65 -7.05 -22.88
C HIS B 138 30.32 -7.50 -24.30
N THR B 139 29.41 -8.47 -24.41
CA THR B 139 28.89 -8.85 -25.73
C THR B 139 27.88 -7.81 -26.21
N TYR B 140 27.50 -7.89 -27.48
CA TYR B 140 26.56 -6.96 -28.09
C TYR B 140 27.01 -5.50 -27.91
N PRO B 141 28.15 -5.12 -28.51
CA PRO B 141 28.56 -3.70 -28.41
C PRO B 141 27.74 -2.81 -29.32
N ASP B 142 27.25 -3.31 -30.45
CA ASP B 142 26.34 -2.56 -31.30
C ASP B 142 25.05 -2.19 -30.55
N LEU B 143 24.52 -3.15 -29.78
CA LEU B 143 23.30 -2.92 -29.01
C LEU B 143 23.54 -1.96 -27.85
N LEU B 144 24.71 -2.05 -27.21
CA LEU B 144 25.04 -1.13 -26.11
C LEU B 144 24.95 0.31 -26.56
N ARG B 145 25.29 0.58 -27.83
CA ARG B 145 25.15 1.93 -28.38
C ARG B 145 23.69 2.38 -28.40
N LYS B 146 22.75 1.45 -28.57
CA LYS B 146 21.36 1.82 -28.78
C LYS B 146 20.56 1.96 -27.49
N ALA B 147 21.06 1.44 -26.37
CA ALA B 147 20.31 1.48 -25.12
C ALA B 147 20.22 2.91 -24.58
N VAL B 148 19.04 3.28 -24.09
CA VAL B 148 18.81 4.61 -23.53
C VAL B 148 18.68 4.53 -22.00
N TYR B 149 19.35 5.46 -21.29
CA TYR B 149 19.28 5.53 -19.82
C TYR B 149 17.92 6.08 -19.37
N GLY B 150 17.11 5.23 -18.73
CA GLY B 150 15.69 5.54 -18.55
C GLY B 150 15.34 6.37 -17.34
N LEU B 151 15.95 7.54 -17.22
CA LEU B 151 15.57 8.43 -16.13
C LEU B 151 14.52 9.35 -16.70
N PRO B 152 13.23 9.07 -16.45
CA PRO B 152 12.17 9.68 -17.27
C PRO B 152 12.00 11.17 -17.06
N GLU B 153 12.27 11.70 -15.86
CA GLU B 153 12.11 13.14 -15.70
C GLU B 153 13.30 13.91 -16.27
N ILE B 154 14.27 13.27 -16.91
CA ILE B 154 15.39 13.98 -17.50
C ILE B 154 15.55 13.67 -18.99
N PHE B 155 15.54 12.38 -19.37
CA PHE B 155 15.85 11.94 -20.73
C PHE B 155 14.60 11.53 -21.50
N GLU B 156 13.48 12.18 -21.23
CA GLU B 156 12.24 11.77 -21.84
C GLU B 156 12.41 11.69 -23.36
N VAL B 157 13.00 12.75 -23.94
CA VAL B 157 13.23 12.83 -25.38
C VAL B 157 13.85 11.53 -25.90
N ASP B 158 14.96 11.11 -25.30
CA ASP B 158 15.64 9.90 -25.75
C ASP B 158 14.76 8.65 -25.55
N ILE B 159 13.96 8.61 -24.48
CA ILE B 159 13.21 7.36 -24.14
C ILE B 159 12.11 7.06 -25.16
N LYS B 160 11.26 8.04 -25.46
CA LYS B 160 10.16 7.86 -26.45
C LYS B 160 10.66 7.22 -27.76
N LYS B 161 11.87 7.58 -28.22
CA LYS B 161 12.35 7.11 -29.55
C LYS B 161 13.16 5.83 -29.45
N ALA B 162 13.15 5.17 -28.29
CA ALA B 162 14.05 4.01 -28.17
C ALA B 162 13.30 2.68 -28.20
N GLU B 163 14.04 1.62 -28.47
CA GLU B 163 13.46 0.28 -28.36
C GLU B 163 14.08 -0.52 -27.23
N LEU B 164 15.26 -0.12 -26.72
CA LEU B 164 15.89 -0.74 -25.56
C LEU B 164 16.16 0.37 -24.56
N VAL B 165 15.63 0.22 -23.35
CA VAL B 165 15.90 1.13 -22.25
C VAL B 165 16.60 0.36 -21.14
N ALA B 166 17.65 0.96 -20.60
CA ALA B 166 18.24 0.53 -19.34
C ALA B 166 17.55 1.33 -18.22
N ASN B 167 16.85 0.65 -17.35
CA ASN B 167 16.24 1.30 -16.20
C ASN B 167 17.37 1.71 -15.26
N PRO B 168 17.42 2.95 -14.79
CA PRO B 168 18.48 3.39 -13.83
C PRO B 168 18.46 2.65 -12.51
N GLY B 169 19.60 2.70 -11.80
CA GLY B 169 19.67 2.13 -10.47
C GLY B 169 18.84 2.93 -9.47
N CYS B 170 18.50 2.29 -8.34
CA CYS B 170 17.65 2.97 -7.37
C CYS B 170 18.39 4.12 -6.66
N TYR B 171 19.60 3.88 -6.12
CA TYR B 171 20.32 4.99 -5.51
C TYR B 171 20.62 6.10 -6.51
N PRO B 172 21.13 5.81 -7.72
CA PRO B 172 21.39 6.92 -8.66
C PRO B 172 20.15 7.77 -8.89
N THR B 173 18.95 7.15 -8.89
CA THR B 173 17.74 7.92 -9.06
C THR B 173 17.56 8.96 -7.96
N SER B 174 17.81 8.58 -6.69
CA SER B 174 17.61 9.59 -5.64
C SER B 174 18.65 10.71 -5.67
N VAL B 175 19.83 10.48 -6.25
CA VAL B 175 20.94 11.45 -6.21
C VAL B 175 21.04 12.27 -7.51
N ILE B 176 20.97 11.61 -8.68
CA ILE B 176 21.01 12.32 -9.96
C ILE B 176 19.87 13.32 -10.04
N THR B 177 18.67 12.93 -9.61
CA THR B 177 17.48 13.74 -9.90
C THR B 177 17.58 15.14 -9.29
N PRO B 178 17.93 15.31 -8.01
CA PRO B 178 18.02 16.67 -7.46
C PRO B 178 19.27 17.38 -7.92
N LEU B 179 20.36 16.67 -8.25
CA LEU B 179 21.62 17.34 -8.59
C LEU B 179 21.66 17.81 -10.06
N TYR B 180 20.98 17.08 -10.95
CA TYR B 180 21.11 17.37 -12.38
C TYR B 180 20.84 18.84 -12.75
N PRO B 181 19.68 19.41 -12.41
CA PRO B 181 19.43 20.81 -12.81
C PRO B 181 20.42 21.80 -12.22
N LEU B 182 20.81 21.58 -10.97
CA LEU B 182 21.67 22.53 -10.25
C LEU B 182 23.05 22.56 -10.87
N LEU B 183 23.57 21.41 -11.27
CA LEU B 183 24.85 21.37 -11.97
C LEU B 183 24.75 22.02 -13.33
N LYS B 184 23.71 21.65 -14.10
CA LYS B 184 23.48 22.23 -15.42
C LYS B 184 23.42 23.74 -15.34
N ALA B 185 22.58 24.28 -14.46
CA ALA B 185 22.50 25.71 -14.25
C ALA B 185 23.73 26.29 -13.52
N GLY B 186 24.72 25.48 -13.14
CA GLY B 186 25.91 25.98 -12.48
C GLY B 186 25.69 26.61 -11.11
N LEU B 187 24.69 26.16 -10.35
CA LEU B 187 24.37 26.78 -9.07
C LEU B 187 25.08 26.12 -7.89
N ILE B 188 25.67 24.95 -8.09
CA ILE B 188 26.48 24.31 -7.09
C ILE B 188 27.80 23.89 -7.73
N SER B 189 28.78 23.70 -6.89
CA SER B 189 30.06 23.24 -7.36
C SER B 189 29.98 21.76 -7.75
N PRO B 190 30.68 21.36 -8.81
CA PRO B 190 30.72 19.94 -9.17
C PRO B 190 31.68 19.12 -8.34
N GLU B 191 32.56 19.77 -7.58
CA GLU B 191 33.58 19.08 -6.82
C GLU B 191 33.12 18.96 -5.37
N GLY B 192 33.51 17.87 -4.73
CA GLY B 192 33.36 17.74 -3.28
C GLY B 192 31.98 17.28 -2.82
N ILE B 193 31.07 16.95 -3.74
CA ILE B 193 29.72 16.56 -3.36
C ILE B 193 29.78 15.25 -2.60
N ILE B 194 29.05 15.18 -1.49
CA ILE B 194 28.95 13.94 -0.74
C ILE B 194 27.50 13.50 -0.64
N ALA B 195 27.24 12.23 -1.03
CA ALA B 195 25.93 11.60 -0.91
C ALA B 195 26.02 10.48 0.12
N ASP B 196 25.42 10.70 1.29
CA ASP B 196 25.33 9.69 2.34
C ASP B 196 23.91 9.09 2.27
N SER B 197 23.81 7.86 1.77
CA SER B 197 22.51 7.31 1.36
C SER B 197 22.16 6.08 2.16
N LYS B 198 20.86 5.84 2.30
CA LYS B 198 20.38 4.80 3.21
C LYS B 198 19.19 4.09 2.55
N SER B 199 19.22 2.76 2.54
CA SER B 199 18.18 1.98 1.86
C SER B 199 17.63 0.86 2.75
N GLY B 200 16.33 0.58 2.57
CA GLY B 200 15.73 -0.62 3.12
C GLY B 200 16.30 -1.88 2.52
N VAL B 201 16.01 -3.01 3.19
CA VAL B 201 16.69 -4.26 2.87
C VAL B 201 16.16 -4.85 1.57
N THR B 202 14.95 -4.47 1.12
CA THR B 202 14.48 -4.99 -0.17
C THR B 202 15.45 -4.63 -1.29
N GLY B 203 16.30 -3.63 -1.10
CA GLY B 203 17.35 -3.29 -2.05
C GLY B 203 18.31 -4.43 -2.36
N ALA B 204 18.30 -5.48 -1.55
CA ALA B 204 19.13 -6.66 -1.76
C ALA B 204 18.43 -7.73 -2.60
N GLY B 205 17.15 -7.53 -2.92
CA GLY B 205 16.42 -8.51 -3.69
C GLY B 205 16.07 -9.73 -2.86
N ARG B 206 15.21 -10.56 -3.44
CA ARG B 206 14.74 -11.79 -2.76
C ARG B 206 15.90 -12.77 -2.73
N LYS B 207 16.65 -12.81 -1.64
CA LYS B 207 17.86 -13.67 -1.60
C LYS B 207 17.89 -14.52 -0.33
N ALA B 208 18.44 -15.73 -0.45
CA ALA B 208 18.62 -16.58 0.74
C ALA B 208 20.08 -16.46 1.19
N ASP B 209 20.49 -15.28 1.63
CA ASP B 209 21.86 -15.09 2.15
C ASP B 209 21.72 -14.79 3.65
N ILE B 210 22.61 -15.34 4.47
CA ILE B 210 22.57 -15.08 5.93
C ILE B 210 22.57 -13.57 6.18
N ALA B 211 23.31 -12.81 5.38
CA ALA B 211 23.44 -11.35 5.61
C ALA B 211 22.09 -10.65 5.44
N TYR B 212 21.17 -11.24 4.69
CA TYR B 212 19.85 -10.64 4.48
C TYR B 212 18.77 -11.31 5.30
N SER B 213 19.15 -12.16 6.26
CA SER B 213 18.17 -12.84 7.10
C SER B 213 17.58 -11.84 8.11
N PHE B 214 16.37 -12.18 8.61
CA PHE B 214 15.71 -11.28 9.58
C PHE B 214 16.60 -11.01 10.78
N CYS B 215 17.13 -12.07 11.38
CA CYS B 215 17.89 -11.92 12.63
C CYS B 215 19.19 -11.13 12.45
N GLU B 216 19.79 -11.17 11.26
CA GLU B 216 20.99 -10.38 11.06
C GLU B 216 20.68 -8.91 10.77
N CYS B 217 19.54 -8.61 10.13
CA CYS B 217 19.29 -7.22 9.78
C CYS B 217 18.47 -6.47 10.81
N ASN B 218 17.58 -7.19 11.51
CA ASN B 218 16.66 -6.55 12.43
C ASN B 218 17.42 -5.78 13.51
N GLU B 219 17.01 -4.54 13.77
CA GLU B 219 17.65 -3.68 14.79
C GLU B 219 19.08 -3.28 14.48
N ASP B 220 19.62 -3.63 13.31
CA ASP B 220 21.02 -3.28 12.97
C ASP B 220 21.04 -2.18 11.93
N PHE B 221 22.04 -1.31 11.99
CA PHE B 221 22.22 -0.27 10.99
C PHE B 221 23.68 -0.25 10.56
N ARG B 222 23.94 -0.28 9.25
CA ARG B 222 25.37 -0.32 8.87
C ARG B 222 25.65 0.29 7.51
N PRO B 223 26.73 1.04 7.38
CA PRO B 223 27.30 1.33 6.06
C PRO B 223 27.77 0.04 5.39
N TYR B 224 27.87 0.09 4.06
CA TYR B 224 28.51 -0.99 3.32
C TYR B 224 29.16 -0.45 2.07
N ALA B 225 29.93 -1.31 1.39
CA ALA B 225 30.53 -1.02 0.09
C ALA B 225 31.25 0.34 0.09
N ILE B 226 32.08 0.58 1.10
CA ILE B 226 32.71 1.87 1.21
C ILE B 226 33.76 2.00 0.11
N PHE B 227 33.70 3.11 -0.64
CA PHE B 227 34.52 3.39 -1.82
C PHE B 227 34.33 2.37 -2.96
N SER B 228 33.30 1.52 -2.92
CA SER B 228 33.26 0.43 -3.90
C SER B 228 31.87 0.12 -4.46
N HIS B 229 30.84 0.91 -4.20
CA HIS B 229 29.51 0.54 -4.69
C HIS B 229 29.38 0.83 -6.20
N ARG B 230 28.79 -0.12 -6.94
CA ARG B 230 28.69 0.00 -8.40
C ARG B 230 27.86 1.19 -8.82
N HIS B 231 26.97 1.67 -7.97
CA HIS B 231 26.21 2.84 -8.36
C HIS B 231 26.98 4.15 -8.32
N ASN B 232 28.17 4.11 -7.93
CA ASN B 232 28.76 5.44 -7.75
C ASN B 232 29.33 5.98 -9.06
N PRO B 233 30.00 5.11 -9.89
CA PRO B 233 30.32 5.57 -11.27
C PRO B 233 29.11 5.82 -12.12
N GLU B 234 28.00 5.10 -11.88
CA GLU B 234 26.77 5.42 -12.59
C GLU B 234 26.34 6.86 -12.34
N ILE B 235 26.39 7.28 -11.07
CA ILE B 235 26.00 8.65 -10.71
C ILE B 235 26.87 9.64 -11.47
N ASN B 236 28.18 9.38 -11.51
CA ASN B 236 29.08 10.38 -12.09
C ASN B 236 29.02 10.38 -13.61
N GLU B 237 28.88 9.20 -14.23
CA GLU B 237 28.82 9.14 -15.70
C GLU B 237 27.61 9.91 -16.21
N VAL B 238 26.45 9.72 -15.57
CA VAL B 238 25.24 10.40 -15.98
C VAL B 238 25.34 11.89 -15.72
N LEU B 239 25.94 12.29 -14.59
CA LEU B 239 25.97 13.72 -14.32
C LEU B 239 26.90 14.46 -15.30
N LYS B 240 27.84 13.75 -15.94
CA LYS B 240 28.68 14.38 -16.98
C LYS B 240 27.85 15.00 -18.09
N GLU B 241 26.64 14.48 -18.34
CA GLU B 241 25.73 15.07 -19.33
C GLU B 241 25.33 16.48 -18.99
N THR B 242 25.60 16.92 -17.77
CA THR B 242 25.30 18.31 -17.47
C THR B 242 26.31 19.25 -18.12
N GLY B 243 27.42 18.72 -18.60
CA GLY B 243 28.57 19.54 -18.93
C GLY B 243 29.59 19.73 -17.81
N LYS B 244 29.38 19.12 -16.65
CA LYS B 244 30.27 19.25 -15.50
C LYS B 244 30.90 17.91 -15.18
N GLU B 245 32.17 17.93 -14.82
CA GLU B 245 32.87 16.73 -14.40
C GLU B 245 32.75 16.67 -12.88
N THR B 246 31.86 15.81 -12.36
CA THR B 246 31.67 15.61 -10.93
C THR B 246 32.46 14.42 -10.42
N ASN B 247 32.78 14.44 -9.12
CA ASN B 247 33.37 13.32 -8.41
C ASN B 247 32.57 12.99 -7.13
N VAL B 248 31.24 12.80 -7.30
CA VAL B 248 30.34 12.51 -6.18
C VAL B 248 30.86 11.35 -5.41
N LEU B 249 31.03 11.54 -4.10
CA LEU B 249 31.40 10.47 -3.20
C LEU B 249 30.11 9.89 -2.64
N PHE B 250 29.89 8.61 -2.88
CA PHE B 250 28.62 7.96 -2.55
C PHE B 250 28.86 6.85 -1.55
N THR B 251 28.14 6.88 -0.42
CA THR B 251 28.26 5.83 0.58
C THR B 251 26.87 5.32 0.97
N PRO B 252 26.56 4.06 0.74
CA PRO B 252 25.25 3.52 1.10
C PRO B 252 25.27 2.90 2.50
N HIS B 253 24.06 2.75 3.06
CA HIS B 253 23.83 2.25 4.40
C HIS B 253 22.54 1.43 4.37
N LEU B 254 22.48 0.39 5.19
CA LEU B 254 21.33 -0.51 5.22
C LEU B 254 20.43 -0.17 6.42
N ILE B 255 19.21 0.26 6.15
CA ILE B 255 18.18 0.53 7.18
C ILE B 255 17.49 -0.76 7.62
N PRO B 256 17.20 -0.96 8.94
CA PRO B 256 16.37 -2.12 9.34
C PRO B 256 14.88 -1.85 9.07
N ALA B 257 14.56 -1.66 7.80
CA ALA B 257 13.19 -1.46 7.33
C ALA B 257 13.10 -2.14 5.98
N SER B 258 11.87 -2.46 5.51
CA SER B 258 11.80 -3.20 4.25
C SER B 258 12.15 -2.31 3.06
N LYS B 259 11.54 -1.13 2.97
CA LYS B 259 11.60 -0.32 1.77
C LYS B 259 11.99 1.12 2.07
N GLY B 260 12.54 1.80 1.07
CA GLY B 260 12.68 3.23 1.25
C GLY B 260 14.14 3.59 1.10
N ILE B 261 14.40 4.69 0.39
CA ILE B 261 15.73 5.27 0.29
C ILE B 261 15.67 6.71 0.78
N GLU B 262 16.65 7.10 1.59
CA GLU B 262 16.87 8.52 1.85
C GLU B 262 18.32 8.85 1.52
N SER B 263 18.52 9.98 0.85
CA SER B 263 19.84 10.46 0.46
C SER B 263 20.03 11.84 1.05
N THR B 264 21.03 12.00 1.93
CA THR B 264 21.42 13.31 2.41
C THR B 264 22.62 13.76 1.58
N ILE B 265 22.47 14.86 0.85
CA ILE B 265 23.45 15.27 -0.15
C ILE B 265 24.06 16.62 0.23
N TYR B 266 25.40 16.66 0.34
CA TYR B 266 26.10 17.84 0.83
C TYR B 266 26.77 18.53 -0.35
N THR B 267 26.42 19.79 -0.58
CA THR B 267 26.97 20.55 -1.73
C THR B 267 27.44 21.93 -1.28
N LYS B 268 28.21 22.59 -2.17
CA LYS B 268 28.58 23.99 -2.02
C LYS B 268 27.90 24.84 -3.07
N THR B 269 27.31 25.94 -2.63
CA THR B 269 26.59 26.84 -3.52
C THR B 269 27.03 28.28 -3.26
N THR B 270 26.91 29.11 -4.30
CA THR B 270 26.99 30.55 -4.11
C THR B 270 25.61 31.20 -4.04
N ALA B 271 24.56 30.48 -4.41
CA ALA B 271 23.22 31.01 -4.60
C ALA B 271 22.36 30.89 -3.33
N GLY B 272 21.30 31.70 -3.27
CA GLY B 272 20.40 31.66 -2.14
C GLY B 272 19.35 30.56 -2.30
N LEU B 273 18.61 30.31 -1.22
CA LEU B 273 17.56 29.29 -1.25
C LEU B 273 16.58 29.55 -2.40
N ALA B 274 16.06 30.79 -2.51
CA ALA B 274 15.05 31.06 -3.53
C ALA B 274 15.56 30.76 -4.95
N GLU B 275 16.84 31.00 -5.21
CA GLU B 275 17.35 30.71 -6.53
C GLU B 275 17.49 29.21 -6.76
N ILE B 276 17.97 28.47 -5.76
CA ILE B 276 18.12 27.02 -5.90
C ILE B 276 16.76 26.37 -6.09
N SER B 277 15.76 26.83 -5.33
CA SER B 277 14.40 26.31 -5.43
C SER B 277 13.80 26.61 -6.80
N ALA B 278 14.03 27.82 -7.31
CA ALA B 278 13.45 28.21 -8.60
C ALA B 278 14.01 27.33 -9.69
N CYS B 279 15.31 27.03 -9.63
CA CYS B 279 15.95 26.13 -10.60
C CYS B 279 15.27 24.77 -10.60
N LEU B 280 15.10 24.17 -9.41
CA LEU B 280 14.54 22.82 -9.37
C LEU B 280 13.08 22.80 -9.75
N LYS B 281 12.28 23.73 -9.22
CA LYS B 281 10.85 23.69 -9.51
C LYS B 281 10.57 24.05 -10.98
N ASP B 282 11.45 24.81 -11.63
CA ASP B 282 11.27 25.10 -13.04
C ASP B 282 11.63 23.88 -13.88
N PHE B 283 12.77 23.25 -13.58
CA PHE B 283 13.20 22.11 -14.41
C PHE B 283 12.20 20.94 -14.33
N TYR B 284 11.50 20.79 -13.18
CA TYR B 284 10.53 19.69 -12.99
C TYR B 284 9.07 20.18 -12.94
N ARG B 285 8.77 21.33 -13.59
CA ARG B 285 7.45 21.94 -13.40
C ARG B 285 6.31 21.09 -13.96
N GLU B 286 6.54 20.25 -14.95
CA GLU B 286 5.35 19.49 -15.35
C GLU B 286 5.35 18.06 -14.85
N ARG B 287 6.23 17.70 -13.93
CA ARG B 287 6.48 16.31 -13.62
C ARG B 287 5.84 16.00 -12.27
N ARG B 288 4.67 15.36 -12.32
CA ARG B 288 3.82 15.16 -11.15
C ARG B 288 4.45 14.24 -10.09
N CYS B 289 5.41 13.39 -10.46
CA CYS B 289 6.04 12.52 -9.47
C CYS B 289 7.08 13.24 -8.60
N VAL B 290 7.50 14.46 -8.97
CA VAL B 290 8.55 15.20 -8.27
C VAL B 290 7.90 16.19 -7.32
N ARG B 291 8.19 16.09 -6.01
CA ARG B 291 7.62 16.99 -5.01
C ARG B 291 8.77 17.71 -4.31
N ILE B 292 8.90 19.01 -4.56
CA ILE B 292 10.04 19.79 -4.08
C ILE B 292 9.59 20.70 -2.95
N TYR B 293 10.29 20.63 -1.82
CA TYR B 293 10.01 21.43 -0.64
C TYR B 293 11.18 22.37 -0.35
N ASP B 294 10.87 23.61 -0.04
CA ASP B 294 11.92 24.60 0.21
C ASP B 294 11.54 25.42 1.43
N ASN B 295 10.62 24.92 2.25
CA ASN B 295 10.05 25.70 3.33
C ASN B 295 10.42 25.18 4.71
N GLY B 296 11.41 24.30 4.81
CA GLY B 296 11.79 23.68 6.07
C GLY B 296 11.24 22.28 6.27
N HIS B 297 10.24 21.88 5.48
CA HIS B 297 9.74 20.51 5.53
C HIS B 297 10.86 19.53 5.19
N ILE B 298 10.97 18.48 5.98
CA ILE B 298 11.98 17.43 5.79
C ILE B 298 11.27 16.17 5.30
N PRO B 299 11.62 15.65 4.14
CA PRO B 299 11.05 14.38 3.69
C PRO B 299 11.55 13.20 4.52
N SER B 300 10.69 12.18 4.63
CA SER B 300 11.05 10.93 5.30
C SER B 300 10.64 9.77 4.39
N THR B 301 11.26 8.61 4.60
CA THR B 301 10.91 7.50 3.73
C THR B 301 9.42 7.14 3.81
N ALA B 302 8.74 7.41 4.94
CA ALA B 302 7.33 7.02 5.04
C ALA B 302 6.46 7.89 4.13
N ASP B 303 6.93 9.07 3.75
CA ASP B 303 6.20 9.92 2.81
C ASP B 303 6.17 9.37 1.38
N VAL B 304 7.09 8.50 0.98
CA VAL B 304 7.15 8.01 -0.38
C VAL B 304 6.98 6.51 -0.49
N THR B 305 7.05 5.76 0.63
CA THR B 305 6.88 4.32 0.59
C THR B 305 5.54 3.97 -0.04
N ASP B 306 5.54 2.95 -0.93
CA ASP B 306 4.33 2.50 -1.64
C ASP B 306 3.78 3.53 -2.61
N THR B 307 4.59 4.50 -3.06
CA THR B 307 4.21 5.50 -4.07
C THR B 307 5.31 5.57 -5.12
N ASN B 308 5.04 6.30 -6.21
CA ASN B 308 6.07 6.61 -7.21
C ASN B 308 6.64 8.01 -7.06
N PHE B 309 6.46 8.67 -5.91
CA PHE B 309 7.00 10.03 -5.77
C PHE B 309 8.47 10.00 -5.39
N ILE B 310 9.19 11.06 -5.82
CA ILE B 310 10.46 11.46 -5.25
C ILE B 310 10.23 12.77 -4.50
N ASP B 311 10.57 12.80 -3.21
CA ASP B 311 10.42 14.01 -2.40
C ASP B 311 11.79 14.62 -2.12
N ILE B 312 11.92 15.92 -2.36
CA ILE B 312 13.21 16.61 -2.25
C ILE B 312 13.04 17.79 -1.30
N GLY B 313 13.85 17.82 -0.24
CA GLY B 313 13.86 18.93 0.70
C GLY B 313 15.16 19.69 0.53
N LEU B 314 15.12 21.00 0.67
CA LEU B 314 16.27 21.87 0.40
C LEU B 314 16.54 22.73 1.63
N PHE B 315 17.82 22.90 1.96
CA PHE B 315 18.24 23.53 3.21
C PHE B 315 19.54 24.29 2.95
N VAL B 316 19.54 25.58 3.20
CA VAL B 316 20.72 26.41 2.83
C VAL B 316 21.21 27.18 4.06
N LYS B 317 22.51 27.17 4.28
CA LYS B 317 23.13 28.00 5.32
C LYS B 317 24.46 28.53 4.78
N GLY B 318 24.54 29.84 4.48
CA GLY B 318 25.76 30.37 3.89
C GLY B 318 26.03 29.67 2.58
N GLU B 319 27.20 29.08 2.45
CA GLU B 319 27.57 28.42 1.20
C GLU B 319 27.22 26.93 1.19
N ARG B 320 26.55 26.43 2.23
CA ARG B 320 26.24 25.02 2.34
C ARG B 320 24.80 24.75 1.89
N LEU B 321 24.66 23.89 0.90
CA LEU B 321 23.36 23.37 0.51
C LEU B 321 23.26 21.92 0.94
N ILE B 322 22.26 21.59 1.73
CA ILE B 322 21.95 20.19 2.06
C ILE B 322 20.66 19.81 1.34
N ILE B 323 20.72 18.73 0.56
CA ILE B 323 19.55 18.14 -0.10
C ILE B 323 19.19 16.82 0.61
N VAL B 324 17.90 16.67 0.95
CA VAL B 324 17.32 15.41 1.44
C VAL B 324 16.42 14.86 0.32
N SER B 325 16.75 13.68 -0.23
CA SER B 325 15.99 13.07 -1.34
C SER B 325 15.46 11.70 -0.92
N CYS B 326 14.14 11.46 -1.04
CA CYS B 326 13.49 10.22 -0.59
C CYS B 326 12.70 9.57 -1.72
N ILE B 327 12.85 8.25 -1.90
CA ILE B 327 12.02 7.45 -2.82
C ILE B 327 11.68 6.12 -2.16
N ASP B 328 10.59 5.51 -2.66
CA ASP B 328 10.43 4.05 -2.55
C ASP B 328 11.46 3.40 -3.49
N ASN B 329 12.38 2.62 -2.93
CA ASN B 329 13.45 2.04 -3.74
C ASN B 329 12.93 1.02 -4.75
N LEU B 330 11.82 0.33 -4.47
CA LEU B 330 11.27 -0.61 -5.45
C LEU B 330 10.27 0.00 -6.44
N ILE B 331 9.77 1.21 -6.19
CA ILE B 331 8.81 1.80 -7.13
C ILE B 331 9.49 2.93 -7.90
N LYS B 332 9.61 4.13 -7.31
CA LYS B 332 10.29 5.18 -8.06
C LYS B 332 11.75 4.83 -8.35
N GLY B 333 12.38 4.05 -7.47
CA GLY B 333 13.73 3.65 -7.79
C GLY B 333 13.87 2.42 -8.66
N SER B 334 12.74 1.86 -9.15
CA SER B 334 12.79 0.65 -9.96
C SER B 334 11.52 0.43 -10.82
N SER B 335 10.52 -0.29 -10.27
CA SER B 335 9.39 -0.78 -11.09
C SER B 335 8.47 0.33 -11.56
N GLY B 336 8.19 1.32 -10.73
CA GLY B 336 7.30 2.39 -11.18
C GLY B 336 7.97 3.24 -12.26
N MET B 337 9.27 3.49 -12.09
CA MET B 337 10.08 4.10 -13.14
C MET B 337 10.08 3.26 -14.41
N ALA B 338 10.17 1.93 -14.26
CA ALA B 338 10.16 1.08 -15.44
C ALA B 338 8.84 1.20 -16.21
N VAL B 339 7.73 1.42 -15.51
CA VAL B 339 6.44 1.60 -16.20
C VAL B 339 6.35 3.00 -16.81
N GLN B 340 7.00 3.98 -16.18
CA GLN B 340 7.15 5.29 -16.81
C GLN B 340 7.85 5.17 -18.14
N ASN B 341 9.02 4.49 -18.17
CA ASN B 341 9.77 4.28 -19.38
C ASN B 341 8.95 3.53 -20.45
N MET B 342 8.19 2.53 -20.02
CA MET B 342 7.36 1.78 -20.97
C MET B 342 6.22 2.63 -21.50
N ASN B 343 5.53 3.34 -20.61
CA ASN B 343 4.52 4.30 -21.04
C ASN B 343 5.04 5.22 -22.14
N LEU B 344 6.18 5.88 -21.89
CA LEU B 344 6.79 6.80 -22.86
C LEU B 344 7.13 6.10 -24.16
N MET B 345 7.77 4.92 -24.11
CA MET B 345 8.07 4.24 -25.36
C MET B 345 6.81 3.89 -26.16
N CYS B 346 5.66 3.73 -25.49
CA CYS B 346 4.44 3.26 -26.12
C CYS B 346 3.52 4.41 -26.52
N GLY B 347 3.98 5.65 -26.38
CA GLY B 347 3.21 6.81 -26.74
C GLY B 347 2.23 7.29 -25.70
N PHE B 348 2.31 6.80 -24.46
CA PHE B 348 1.40 7.23 -23.40
C PHE B 348 2.02 8.33 -22.56
N ASP B 349 1.19 9.02 -21.77
CA ASP B 349 1.72 9.91 -20.75
C ASP B 349 2.52 9.09 -19.71
N ASP B 350 3.61 9.67 -19.22
CA ASP B 350 4.51 8.87 -18.39
C ASP B 350 3.87 8.43 -17.07
N THR B 351 2.86 9.12 -16.57
CA THR B 351 2.23 8.73 -15.32
C THR B 351 0.94 7.92 -15.51
N LEU B 352 0.62 7.48 -16.73
CA LEU B 352 -0.58 6.67 -16.93
C LEU B 352 -0.51 5.40 -16.08
N GLY B 353 -1.56 5.18 -15.30
CA GLY B 353 -1.63 4.04 -14.42
C GLY B 353 -0.80 4.18 -13.15
N ILE B 354 -0.19 5.34 -12.92
CA ILE B 354 0.62 5.59 -11.72
C ILE B 354 -0.08 6.70 -10.93
N LEU B 355 -0.31 7.83 -11.58
CA LEU B 355 -1.11 8.92 -11.01
C LEU B 355 -2.39 9.17 -11.80
NA NA C . -13.13 10.50 -5.33
NA NA D . -3.87 -3.80 -16.64
#